data_6O89
#
_entry.id   6O89
#
_cell.length_a   70.050
_cell.length_b   73.390
_cell.length_c   150.400
_cell.angle_alpha   90.000
_cell.angle_beta   90.000
_cell.angle_gamma   90.000
#
_symmetry.space_group_name_H-M   'P 21 21 21'
#
loop_
_entity.id
_entity.type
_entity.pdbx_description
1 polymer 'Anti-CD28xCD3 CODV-Fab Heavy chain'
2 polymer 'Anti-CD28xCD3 CODV-Fab Light chain'
3 water water
#
loop_
_entity_poly.entity_id
_entity_poly.type
_entity_poly.pdbx_seq_one_letter_code
_entity_poly.pdbx_strand_id
1 'polypeptide(L)'
;QVQLVQSGAEVVKPGASVKVSCKASGYTFTSYYIHWVRQAPGQGLEWIGSIYPGNVNTNYAQKFQGRATLTVDTSISTAY
MELSRLRSDDTAVYYCTRSHYGLDWNFDVWGKGTTVTVSSSQVQLVESGGGVVQPGRSLRLSCAASGFTFTKAWMHWVRQ
APGKQLEWVAQIKDKSNSYATYYADSVKGRFTISRDDSKNTLYLQMNSLRAEDTAVYYCRGVYYALSPFDYWGQGTLVTV
SSRTASTKGPSVFPLAPSSKSTSGGTAALGCLVKDYFPEPVTVSWNSGALTSGVHTFPAVLQSSGLYSLSSVVTVPSSSL
GTQTYICNVNHKPSNTKVDKKVEPKSCDKTHTHHHHHH
;
H
2 'polypeptide(L)'
;DIVMTQTPLSLSVTPGQPASISCKSSQSLVHNNANTYLSWYLQKPGQSPQSLIYKVSNRFSGVPDRFSGSGSGTDFTLKI
SRVEAEDVGVYYCGQGTQYPFTFGSGTKVEIKGQPKAAPDIQMTQSPSSLSASVGDRVTITCQASQNIYVWLNWYQQKPG
KAPKLLIYKASNLHTGVPSRFSGSGSGTDFTLTISSLQPEDIATYYCQQGQTYPYTFGQGTKLEIKTKGPSRTVAAPSVF
IFPPSDEQLKSGTASVVCLLNNFYPREAKVQWKVDNALQSGNSQESVTEQDSKDSTYSLSSTLTLSKADYEKHKVYACEV
THQGLSSPVTKSFNRGEC
;
L
#
# COMPACT_ATOMS: atom_id res chain seq x y z
N GLN A 1 32.67 -19.11 7.77
CA GLN A 1 31.57 -18.54 6.99
C GLN A 1 31.05 -17.24 7.64
N VAL A 2 31.42 -16.12 7.02
CA VAL A 2 30.95 -14.81 7.45
C VAL A 2 29.45 -14.69 7.15
N GLN A 3 28.64 -14.44 8.18
CA GLN A 3 27.20 -14.33 7.95
C GLN A 3 26.58 -13.28 8.87
N LEU A 4 25.45 -12.72 8.42
CA LEU A 4 24.59 -11.86 9.24
C LEU A 4 23.21 -12.48 9.24
N VAL A 5 22.70 -12.81 10.42
CA VAL A 5 21.42 -13.50 10.57
C VAL A 5 20.43 -12.55 11.23
N GLN A 6 19.30 -12.32 10.57
CA GLN A 6 18.36 -11.28 10.95
C GLN A 6 17.14 -11.85 11.65
N SER A 7 16.51 -11.01 12.45
CA SER A 7 15.29 -11.42 13.13
C SER A 7 14.15 -11.56 12.12
N GLY A 8 13.07 -12.21 12.56
CA GLY A 8 12.02 -12.60 11.65
C GLY A 8 11.04 -11.48 11.29
N ALA A 9 10.20 -11.79 10.32
CA ALA A 9 9.25 -10.83 9.77
C ALA A 9 8.35 -10.28 10.86
N GLU A 10 7.95 -9.02 10.70
CA GLU A 10 7.16 -8.32 11.71
C GLU A 10 6.04 -7.55 11.04
N VAL A 11 4.86 -7.59 11.65
CA VAL A 11 3.72 -6.75 11.28
C VAL A 11 3.50 -5.77 12.42
N VAL A 12 3.46 -4.48 12.10
CA VAL A 12 3.39 -3.46 13.13
C VAL A 12 2.31 -2.46 12.75
N LYS A 13 1.76 -1.77 13.79
CA LYS A 13 0.74 -0.78 13.48
C LYS A 13 1.38 0.59 13.29
N PRO A 14 0.75 1.44 12.47
CA PRO A 14 1.30 2.78 12.24
C PRO A 14 1.35 3.58 13.54
N GLY A 15 2.34 4.44 13.62
CA GLY A 15 2.61 5.19 14.82
C GLY A 15 3.45 4.46 15.85
N ALA A 16 3.47 3.13 15.80
CA ALA A 16 4.26 2.35 16.74
C ALA A 16 5.72 2.31 16.25
N SER A 17 6.54 1.53 16.93
CA SER A 17 7.94 1.40 16.53
C SER A 17 8.25 -0.08 16.31
N VAL A 18 9.36 -0.33 15.62
CA VAL A 18 9.83 -1.67 15.33
C VAL A 18 11.32 -1.72 15.63
N LYS A 19 11.78 -2.88 16.12
CA LYS A 19 13.20 -3.10 16.39
C LYS A 19 13.61 -4.41 15.77
N VAL A 20 14.51 -4.36 14.79
CA VAL A 20 15.00 -5.54 14.10
C VAL A 20 16.44 -5.78 14.54
N SER A 21 16.85 -7.04 14.54
CA SER A 21 18.17 -7.42 15.01
C SER A 21 18.94 -8.15 13.92
N CYS A 22 20.24 -8.25 14.13
CA CYS A 22 21.19 -8.73 13.13
C CYS A 22 22.39 -9.30 13.90
N LYS A 23 22.50 -10.63 13.91
CA LYS A 23 23.57 -11.32 14.63
C LYS A 23 24.74 -11.60 13.69
N ALA A 24 25.93 -11.11 14.04
CA ALA A 24 27.12 -11.33 13.24
C ALA A 24 27.86 -12.58 13.72
N SER A 25 28.41 -13.32 12.76
CA SER A 25 29.14 -14.55 13.03
C SER A 25 30.25 -14.69 12.01
N GLY A 26 31.38 -15.28 12.44
CA GLY A 26 32.43 -15.64 11.52
C GLY A 26 33.43 -14.55 11.19
N TYR A 27 33.36 -13.43 11.88
CA TYR A 27 34.35 -12.36 11.77
C TYR A 27 34.27 -11.57 13.08
N THR A 28 35.20 -10.64 13.26
CA THR A 28 35.28 -9.87 14.49
C THR A 28 34.34 -8.68 14.42
N PHE A 29 33.25 -8.75 15.19
CA PHE A 29 32.13 -7.82 15.06
C PHE A 29 32.55 -6.38 15.26
N THR A 30 33.51 -6.13 16.15
CA THR A 30 33.82 -4.74 16.51
C THR A 30 34.77 -4.06 15.53
N SER A 31 35.26 -4.73 14.48
CA SER A 31 36.23 -4.11 13.58
C SER A 31 35.66 -3.73 12.22
N TYR A 32 34.34 -3.77 12.02
CA TYR A 32 33.75 -3.46 10.72
C TYR A 32 32.49 -2.63 10.91
N TYR A 33 32.26 -1.68 10.00
CA TYR A 33 30.99 -0.95 9.98
C TYR A 33 29.82 -1.87 9.65
N ILE A 34 28.71 -1.64 10.35
CA ILE A 34 27.41 -2.23 10.02
C ILE A 34 26.51 -1.12 9.47
N HIS A 35 25.79 -1.41 8.39
CA HIS A 35 24.80 -0.49 7.85
C HIS A 35 23.43 -1.14 7.83
N TRP A 36 22.40 -0.31 7.79
CA TRP A 36 21.06 -0.78 7.52
C TRP A 36 20.56 -0.14 6.23
N VAL A 37 19.95 -0.95 5.36
CA VAL A 37 19.47 -0.54 4.05
C VAL A 37 18.08 -1.14 3.87
N ARG A 38 17.14 -0.38 3.31
CA ARG A 38 15.81 -0.94 3.16
C ARG A 38 15.36 -0.91 1.71
N GLN A 39 14.39 -1.77 1.40
CA GLN A 39 13.88 -1.93 0.04
C GLN A 39 12.36 -2.03 0.11
N ALA A 40 11.66 -0.98 -0.30
CA ALA A 40 10.20 -1.05 -0.30
C ALA A 40 9.75 -1.95 -1.46
N PRO A 41 8.65 -2.68 -1.30
CA PRO A 41 8.31 -3.70 -2.30
C PRO A 41 8.14 -3.08 -3.68
N GLY A 42 8.79 -3.70 -4.68
CA GLY A 42 8.83 -3.18 -6.02
C GLY A 42 9.89 -2.12 -6.30
N GLN A 43 10.54 -1.56 -5.30
CA GLN A 43 11.38 -0.39 -5.51
C GLN A 43 12.85 -0.70 -5.23
N GLY A 44 13.68 0.35 -5.24
CA GLY A 44 15.11 0.23 -5.05
C GLY A 44 15.53 0.30 -3.60
N LEU A 45 16.81 0.63 -3.38
CA LEU A 45 17.46 0.51 -2.09
C LEU A 45 17.67 1.88 -1.47
N GLU A 46 17.58 1.95 -0.15
CA GLU A 46 17.71 3.22 0.57
C GLU A 46 18.53 3.02 1.82
N TRP A 47 19.66 3.73 1.92
CA TRP A 47 20.53 3.65 3.08
C TRP A 47 19.90 4.38 4.26
N ILE A 48 19.85 3.72 5.41
CA ILE A 48 19.27 4.29 6.63
C ILE A 48 20.34 4.93 7.53
N GLY A 49 21.43 4.21 7.76
CA GLY A 49 22.50 4.72 8.59
C GLY A 49 23.51 3.62 8.87
N SER A 50 24.55 4.00 9.60
CA SER A 50 25.66 3.10 9.86
C SER A 50 26.10 3.24 11.32
N ILE A 51 26.78 2.21 11.80
CA ILE A 51 27.30 2.20 13.15
C ILE A 51 28.60 1.40 13.14
N TYR A 52 29.61 1.90 13.84
CA TYR A 52 30.86 1.18 14.01
C TYR A 52 30.83 0.54 15.38
N PRO A 53 30.71 -0.79 15.50
CA PRO A 53 30.46 -1.38 16.83
C PRO A 53 31.57 -1.18 17.84
N GLY A 54 32.81 -0.92 17.40
CA GLY A 54 33.92 -0.78 18.33
C GLY A 54 33.85 0.44 19.21
N ASN A 55 33.30 1.54 18.68
CA ASN A 55 33.18 2.78 19.45
C ASN A 55 31.79 3.40 19.35
N VAL A 56 30.81 2.66 18.84
CA VAL A 56 29.41 3.04 18.66
C VAL A 56 29.20 4.41 18.02
N ASN A 57 30.14 4.87 17.18
CA ASN A 57 29.86 6.05 16.38
C ASN A 57 28.79 5.73 15.34
N THR A 58 27.83 6.64 15.18
CA THR A 58 26.71 6.45 14.28
C THR A 58 26.63 7.58 13.26
N ASN A 59 26.07 7.26 12.09
CA ASN A 59 25.72 8.24 11.08
C ASN A 59 24.37 7.85 10.50
N TYR A 60 23.48 8.83 10.41
CA TYR A 60 22.11 8.62 9.95
C TYR A 60 21.88 9.46 8.70
N ALA A 61 21.11 8.91 7.76
CA ALA A 61 20.55 9.73 6.69
C ALA A 61 19.61 10.76 7.31
N GLN A 62 19.66 11.99 6.77
CA GLN A 62 18.91 13.09 7.37
C GLN A 62 17.43 12.77 7.49
N LYS A 63 16.86 12.07 6.52
CA LYS A 63 15.43 11.78 6.66
C LYS A 63 15.17 10.76 7.76
N PHE A 64 16.19 10.12 8.32
CA PHE A 64 15.99 9.21 9.44
C PHE A 64 16.56 9.72 10.77
N GLN A 65 17.18 10.91 10.79
CA GLN A 65 17.67 11.46 12.06
C GLN A 65 16.49 11.76 12.98
N GLY A 66 16.58 11.26 14.21
CA GLY A 66 15.52 11.44 15.17
C GLY A 66 14.43 10.40 15.13
N ARG A 67 14.46 9.49 14.15
CA ARG A 67 13.44 8.45 14.05
C ARG A 67 14.03 7.04 14.04
N ALA A 68 15.21 6.85 13.47
CA ALA A 68 15.95 5.59 13.54
C ALA A 68 16.98 5.67 14.66
N THR A 69 17.16 4.55 15.37
CA THR A 69 18.25 4.40 16.34
C THR A 69 18.99 3.11 16.05
N LEU A 70 20.29 3.21 15.78
CA LEU A 70 21.16 2.05 15.64
C LEU A 70 21.88 1.81 16.96
N THR A 71 21.87 0.56 17.43
CA THR A 71 22.57 0.18 18.66
C THR A 71 23.25 -1.17 18.42
N VAL A 72 24.13 -1.55 19.36
CA VAL A 72 24.83 -2.81 19.30
C VAL A 72 24.88 -3.43 20.70
N ASP A 73 24.98 -4.77 20.74
CA ASP A 73 25.36 -5.52 21.93
C ASP A 73 26.60 -6.36 21.54
N THR A 74 27.77 -5.87 21.92
CA THR A 74 29.03 -6.51 21.52
C THR A 74 29.26 -7.83 22.22
N SER A 75 28.63 -8.06 23.38
CA SER A 75 28.79 -9.34 24.04
C SER A 75 28.13 -10.47 23.25
N ILE A 76 27.09 -10.18 22.46
CA ILE A 76 26.48 -11.21 21.63
C ILE A 76 26.61 -10.89 20.14
N SER A 77 27.49 -9.96 19.77
CA SER A 77 27.78 -9.60 18.39
C SER A 77 26.52 -9.33 17.57
N THR A 78 25.62 -8.51 18.12
CA THR A 78 24.33 -8.24 17.51
C THR A 78 24.15 -6.74 17.33
N ALA A 79 23.65 -6.36 16.16
CA ALA A 79 23.31 -4.98 15.84
C ALA A 79 21.79 -4.85 15.77
N TYR A 80 21.28 -3.69 16.17
CA TYR A 80 19.84 -3.46 16.18
C TYR A 80 19.51 -2.16 15.46
N MET A 81 18.34 -2.15 14.86
CA MET A 81 17.81 -0.97 14.22
C MET A 81 16.40 -0.79 14.77
N GLU A 82 16.14 0.36 15.39
CA GLU A 82 14.79 0.70 15.80
C GLU A 82 14.30 1.88 14.98
N LEU A 83 13.08 1.76 14.46
CA LEU A 83 12.44 2.84 13.71
C LEU A 83 11.13 3.17 14.39
N SER A 84 10.92 4.44 14.74
CA SER A 84 9.75 4.86 15.47
C SER A 84 8.76 5.59 14.55
N ARG A 85 7.58 5.88 15.09
CA ARG A 85 6.55 6.65 14.37
C ARG A 85 6.33 6.10 12.95
N LEU A 86 6.07 4.79 12.87
CA LEU A 86 6.00 4.13 11.57
C LEU A 86 4.79 4.61 10.76
N ARG A 87 5.00 4.78 9.46
CA ARG A 87 3.95 5.17 8.53
C ARG A 87 3.88 4.17 7.39
N SER A 88 2.77 4.21 6.67
CA SER A 88 2.56 3.60 5.36
C SER A 88 3.83 3.18 4.64
N ASP A 89 4.62 4.17 4.23
CA ASP A 89 5.76 3.97 3.37
C ASP A 89 7.02 3.50 4.12
N ASP A 90 6.89 2.95 5.33
CA ASP A 90 8.02 2.28 5.97
C ASP A 90 7.96 0.77 5.78
N THR A 91 6.88 0.26 5.19
CA THR A 91 6.83 -1.13 4.78
C THR A 91 7.97 -1.42 3.81
N ALA A 92 8.79 -2.42 4.14
CA ALA A 92 10.00 -2.70 3.36
C ALA A 92 10.66 -3.95 3.92
N VAL A 93 11.57 -4.50 3.13
CA VAL A 93 12.59 -5.42 3.64
C VAL A 93 13.74 -4.60 4.19
N TYR A 94 14.12 -4.87 5.43
CA TYR A 94 15.25 -4.19 6.06
C TYR A 94 16.45 -5.12 6.09
N TYR A 95 17.56 -4.70 5.46
CA TYR A 95 18.82 -5.44 5.47
C TYR A 95 19.82 -4.81 6.43
N CYS A 96 20.52 -5.64 7.18
CA CYS A 96 21.78 -5.20 7.77
C CYS A 96 22.91 -5.67 6.86
N THR A 97 23.96 -4.87 6.79
CA THR A 97 25.06 -5.21 5.91
C THR A 97 26.37 -4.71 6.50
N ARG A 98 27.44 -5.44 6.22
CA ARG A 98 28.76 -5.13 6.73
C ARG A 98 29.65 -4.58 5.62
N SER A 99 30.41 -3.53 5.95
CA SER A 99 31.40 -2.98 5.03
C SER A 99 32.66 -3.84 5.00
N HIS A 100 33.38 -3.75 3.88
CA HIS A 100 34.71 -4.32 3.74
C HIS A 100 35.64 -3.72 4.80
N TYR A 101 36.68 -4.46 5.17
CA TYR A 101 37.55 -3.95 6.24
C TYR A 101 38.12 -2.59 5.88
N GLY A 102 38.12 -1.67 6.85
CA GLY A 102 38.86 -0.44 6.75
C GLY A 102 38.14 0.72 6.07
N LEU A 103 36.88 0.53 5.69
CA LEU A 103 36.11 1.57 5.03
C LEU A 103 34.65 1.38 5.41
N ASP A 104 33.84 2.40 5.17
CA ASP A 104 32.42 2.31 5.47
C ASP A 104 31.53 2.58 4.26
N TRP A 105 32.09 2.68 3.07
CA TRP A 105 31.33 3.21 1.94
C TRP A 105 30.93 2.12 0.94
N ASN A 106 31.05 0.84 1.30
CA ASN A 106 30.45 -0.23 0.50
C ASN A 106 29.78 -1.24 1.42
N PHE A 107 29.04 -2.16 0.81
CA PHE A 107 28.27 -3.15 1.56
C PHE A 107 28.65 -4.54 1.04
N ASP A 108 29.54 -5.20 1.80
CA ASP A 108 30.25 -6.40 1.36
C ASP A 108 29.45 -7.66 1.71
N VAL A 109 28.95 -7.75 2.94
CA VAL A 109 28.19 -8.90 3.44
C VAL A 109 26.78 -8.44 3.74
N TRP A 110 25.78 -9.24 3.38
CA TRP A 110 24.39 -8.85 3.56
C TRP A 110 23.65 -9.92 4.33
N GLY A 111 22.79 -9.49 5.26
CA GLY A 111 21.77 -10.38 5.78
C GLY A 111 20.72 -10.66 4.71
N LYS A 112 19.88 -11.65 4.99
CA LYS A 112 18.80 -12.00 4.07
C LYS A 112 17.63 -11.04 4.14
N GLY A 113 17.62 -10.15 5.11
CA GLY A 113 16.58 -9.14 5.19
C GLY A 113 15.47 -9.53 6.14
N THR A 114 14.81 -8.51 6.70
CA THR A 114 13.64 -8.67 7.55
C THR A 114 12.47 -7.93 6.91
N THR A 115 11.37 -8.65 6.68
CA THR A 115 10.17 -8.00 6.16
C THR A 115 9.41 -7.30 7.28
N VAL A 116 9.23 -6.00 7.13
CA VAL A 116 8.48 -5.19 8.09
C VAL A 116 7.28 -4.64 7.36
N THR A 117 6.09 -5.04 7.78
CA THR A 117 4.83 -4.61 7.18
C THR A 117 4.09 -3.70 8.14
N VAL A 118 3.87 -2.46 7.73
CA VAL A 118 3.06 -1.53 8.52
C VAL A 118 1.61 -1.77 8.16
N SER A 119 0.85 -2.35 9.07
CA SER A 119 -0.50 -2.80 8.75
C SER A 119 -1.43 -1.61 8.52
N SER A 120 -2.26 -1.72 7.49
CA SER A 120 -3.24 -0.68 7.21
C SER A 120 -4.46 -0.77 8.11
N SER A 121 -4.74 -1.95 8.68
CA SER A 121 -5.97 -2.19 9.42
C SER A 121 -5.85 -1.96 10.91
N GLN A 122 -4.64 -1.82 11.45
CA GLN A 122 -4.47 -1.63 12.89
C GLN A 122 -4.39 -0.14 13.22
N VAL A 123 -5.52 0.54 13.01
CA VAL A 123 -5.67 1.96 13.36
C VAL A 123 -7.04 2.14 13.98
N GLN A 124 -7.23 3.25 14.70
CA GLN A 124 -8.53 3.51 15.32
C GLN A 124 -9.61 3.70 14.26
N LEU A 125 -9.29 4.38 13.16
CA LEU A 125 -10.27 4.73 12.14
C LEU A 125 -9.65 4.59 10.76
N VAL A 126 -10.30 3.86 9.87
CA VAL A 126 -9.82 3.74 8.50
C VAL A 126 -10.99 3.82 7.53
N GLU A 127 -10.91 4.76 6.59
CA GLU A 127 -11.97 5.02 5.62
C GLU A 127 -11.87 4.06 4.43
N SER A 128 -13.02 3.73 3.87
CA SER A 128 -13.11 3.04 2.59
C SER A 128 -13.96 3.87 1.64
N GLY A 129 -13.72 3.72 0.35
CA GLY A 129 -14.45 4.48 -0.65
C GLY A 129 -13.67 5.69 -1.10
N GLY A 130 -14.18 6.36 -2.12
CA GLY A 130 -13.54 7.53 -2.69
C GLY A 130 -13.29 7.38 -4.19
N GLY A 131 -12.60 8.38 -4.74
CA GLY A 131 -12.27 8.41 -6.15
C GLY A 131 -12.97 9.54 -6.90
N VAL A 132 -13.29 9.32 -8.17
CA VAL A 132 -13.82 10.34 -9.06
C VAL A 132 -15.31 10.11 -9.25
N VAL A 133 -16.09 11.20 -9.23
CA VAL A 133 -17.53 11.14 -9.40
C VAL A 133 -17.96 12.34 -10.23
N GLN A 134 -18.97 12.13 -11.08
CA GLN A 134 -19.51 13.21 -11.90
C GLN A 134 -20.28 14.19 -11.03
N PRO A 135 -20.19 15.48 -11.31
CA PRO A 135 -21.09 16.45 -10.66
C PRO A 135 -22.54 16.06 -10.86
N GLY A 136 -23.31 16.13 -9.78
CA GLY A 136 -24.69 15.69 -9.77
C GLY A 136 -24.90 14.25 -9.37
N ARG A 137 -23.86 13.44 -9.38
CA ARG A 137 -23.99 12.04 -9.04
C ARG A 137 -23.62 11.82 -7.57
N SER A 138 -23.59 10.56 -7.15
CA SER A 138 -23.47 10.18 -5.74
C SER A 138 -22.24 9.32 -5.51
N LEU A 139 -21.82 9.28 -4.24
CA LEU A 139 -20.68 8.49 -3.80
C LEU A 139 -20.85 8.22 -2.31
N ARG A 140 -20.46 7.02 -1.87
CA ARG A 140 -20.60 6.63 -0.47
C ARG A 140 -19.24 6.31 0.14
N LEU A 141 -18.99 6.84 1.32
CA LEU A 141 -17.82 6.51 2.10
C LEU A 141 -18.23 5.72 3.33
N SER A 142 -17.31 4.92 3.81
CA SER A 142 -17.50 4.23 5.06
C SER A 142 -16.21 4.35 5.84
N CYS A 143 -16.27 3.99 7.12
CA CYS A 143 -15.14 4.16 8.02
C CYS A 143 -15.24 3.08 9.07
N ALA A 144 -14.21 2.24 9.21
CA ALA A 144 -14.20 1.15 10.18
C ALA A 144 -13.46 1.60 11.43
N ALA A 145 -14.06 1.36 12.59
CA ALA A 145 -13.46 1.74 13.87
C ALA A 145 -12.93 0.53 14.62
N SER A 146 -11.76 0.70 15.26
CA SER A 146 -11.18 -0.35 16.10
C SER A 146 -10.48 0.28 17.28
N GLY A 147 -10.36 -0.50 18.35
CA GLY A 147 -9.54 -0.12 19.49
C GLY A 147 -10.14 0.93 20.37
N PHE A 148 -11.44 1.21 20.27
CA PHE A 148 -12.13 2.07 21.21
C PHE A 148 -13.60 1.69 21.22
N THR A 149 -14.32 2.15 22.24
CA THR A 149 -15.74 1.81 22.31
C THR A 149 -16.48 2.71 21.34
N PHE A 150 -16.73 2.17 20.14
CA PHE A 150 -17.39 2.90 19.07
C PHE A 150 -18.73 3.47 19.51
N THR A 151 -19.55 2.65 20.18
CA THR A 151 -20.94 3.02 20.43
C THR A 151 -21.08 4.24 21.33
N LYS A 152 -20.09 4.53 22.17
CA LYS A 152 -20.20 5.70 23.04
C LYS A 152 -19.71 6.98 22.37
N ALA A 153 -19.01 6.89 21.24
CA ALA A 153 -18.41 8.07 20.64
C ALA A 153 -19.41 8.82 19.75
N TRP A 154 -19.22 10.14 19.66
CA TRP A 154 -19.89 10.94 18.66
C TRP A 154 -19.00 11.01 17.42
N MET A 155 -19.54 10.62 16.28
CA MET A 155 -18.73 10.47 15.08
C MET A 155 -18.95 11.66 14.15
N HIS A 156 -17.89 12.01 13.41
CA HIS A 156 -17.92 13.13 12.49
C HIS A 156 -17.33 12.75 11.15
N TRP A 157 -17.70 13.53 10.13
CA TRP A 157 -16.91 13.66 8.91
C TRP A 157 -16.40 15.10 8.83
N VAL A 158 -15.13 15.25 8.50
CA VAL A 158 -14.46 16.53 8.31
C VAL A 158 -13.76 16.46 6.97
N ARG A 159 -13.72 17.57 6.24
CA ARG A 159 -13.07 17.54 4.94
C ARG A 159 -12.10 18.71 4.79
N GLN A 160 -11.20 18.54 3.82
CA GLN A 160 -10.15 19.51 3.54
C GLN A 160 -9.95 19.57 2.05
N ALA A 161 -10.44 20.67 1.42
CA ALA A 161 -10.11 20.90 0.03
C ALA A 161 -8.60 21.07 -0.12
N PRO A 162 -8.05 20.79 -1.30
CA PRO A 162 -6.59 20.84 -1.44
C PRO A 162 -6.06 22.25 -1.17
N GLY A 163 -5.13 22.35 -0.21
CA GLY A 163 -4.58 23.63 0.16
C GLY A 163 -5.44 24.50 1.06
N LYS A 164 -6.58 24.01 1.55
CA LYS A 164 -7.48 24.81 2.38
C LYS A 164 -7.51 24.27 3.81
N GLN A 165 -8.29 24.95 4.65
CA GLN A 165 -8.40 24.58 6.05
C GLN A 165 -9.36 23.41 6.24
N LEU A 166 -9.40 22.89 7.46
CA LEU A 166 -10.38 21.87 7.81
C LEU A 166 -11.77 22.47 7.81
N GLU A 167 -12.74 21.71 7.29
CA GLU A 167 -14.14 22.14 7.29
C GLU A 167 -15.00 21.00 7.80
N TRP A 168 -15.82 21.28 8.81
CA TRP A 168 -16.66 20.25 9.40
C TRP A 168 -17.81 19.92 8.46
N VAL A 169 -18.15 18.63 8.33
CA VAL A 169 -19.21 18.20 7.43
C VAL A 169 -20.46 17.77 8.19
N ALA A 170 -20.33 16.85 9.15
CA ALA A 170 -21.50 16.23 9.75
C ALA A 170 -21.10 15.57 11.06
N GLN A 171 -22.09 15.40 11.93
CA GLN A 171 -21.91 14.70 13.19
C GLN A 171 -23.11 13.77 13.38
N ILE A 172 -22.86 12.61 13.98
CA ILE A 172 -23.93 11.72 14.41
C ILE A 172 -23.65 11.29 15.85
N LYS A 173 -24.68 11.39 16.70
CA LYS A 173 -24.51 11.07 18.11
C LYS A 173 -24.79 9.59 18.36
N ASP A 174 -24.73 9.20 19.63
CA ASP A 174 -24.86 7.81 20.02
C ASP A 174 -26.32 7.44 20.26
N LYS A 175 -26.54 6.18 20.65
CA LYS A 175 -27.89 5.66 20.80
C LYS A 175 -28.64 6.34 21.95
N SER A 176 -27.93 6.86 22.95
CA SER A 176 -28.60 7.53 24.04
C SER A 176 -29.10 8.92 23.63
N ASN A 177 -28.60 9.43 22.51
CA ASN A 177 -29.12 10.66 21.92
C ASN A 177 -29.90 10.39 20.64
N SER A 178 -30.44 9.17 20.50
CA SER A 178 -31.31 8.76 19.40
C SER A 178 -30.59 8.81 18.05
N TYR A 179 -29.25 8.72 18.06
CA TYR A 179 -28.45 8.84 16.84
C TYR A 179 -28.76 10.14 16.09
N ALA A 180 -28.99 11.23 16.84
CA ALA A 180 -29.30 12.50 16.21
C ALA A 180 -28.13 12.96 15.33
N THR A 181 -28.44 13.61 14.21
CA THR A 181 -27.44 14.05 13.23
C THR A 181 -27.50 15.56 13.06
N TYR A 182 -26.39 16.12 12.61
CA TYR A 182 -26.19 17.55 12.43
C TYR A 182 -25.29 17.74 11.19
N TYR A 183 -25.56 18.78 10.41
CA TYR A 183 -24.85 18.97 9.14
C TYR A 183 -24.36 20.41 8.98
N ALA A 184 -23.27 20.58 8.23
CA ALA A 184 -22.93 21.89 7.72
C ALA A 184 -23.99 22.35 6.72
N ASP A 185 -24.19 23.68 6.64
CA ASP A 185 -25.30 24.20 5.88
C ASP A 185 -25.19 23.85 4.40
N SER A 186 -23.97 23.90 3.85
CA SER A 186 -23.78 23.64 2.42
C SER A 186 -23.99 22.18 2.02
N VAL A 187 -24.13 21.25 2.96
CA VAL A 187 -24.40 19.86 2.61
C VAL A 187 -25.76 19.38 3.08
N LYS A 188 -26.53 20.22 3.77
CA LYS A 188 -27.82 19.77 4.29
C LYS A 188 -28.77 19.44 3.14
N GLY A 189 -29.39 18.27 3.22
CA GLY A 189 -30.27 17.81 2.18
C GLY A 189 -29.60 17.02 1.08
N ARG A 190 -28.27 17.03 1.02
CA ARG A 190 -27.50 16.27 0.04
C ARG A 190 -26.67 15.17 0.65
N PHE A 191 -26.15 15.35 1.86
CA PHE A 191 -25.34 14.34 2.52
C PHE A 191 -26.16 13.68 3.62
N THR A 192 -25.87 12.40 3.87
CA THR A 192 -26.44 11.70 5.02
C THR A 192 -25.32 10.97 5.75
N ILE A 193 -25.17 11.25 7.03
CA ILE A 193 -24.24 10.51 7.88
C ILE A 193 -25.05 9.43 8.61
N SER A 194 -24.47 8.25 8.76
CA SER A 194 -25.14 7.19 9.49
C SER A 194 -24.09 6.29 10.14
N ARG A 195 -24.55 5.46 11.06
CA ARG A 195 -23.66 4.52 11.73
C ARG A 195 -24.36 3.17 11.86
N ASP A 196 -23.54 2.14 12.03
CA ASP A 196 -23.99 0.76 12.23
C ASP A 196 -23.13 0.24 13.38
N ASP A 197 -23.65 0.34 14.60
CA ASP A 197 -22.85 0.03 15.79
C ASP A 197 -22.44 -1.44 15.84
N SER A 198 -23.27 -2.33 15.31
CA SER A 198 -22.94 -3.75 15.38
C SER A 198 -21.76 -4.11 14.48
N LYS A 199 -21.51 -3.31 13.45
CA LYS A 199 -20.34 -3.51 12.59
C LYS A 199 -19.23 -2.48 12.83
N ASN A 200 -19.37 -1.64 13.86
CA ASN A 200 -18.42 -0.57 14.16
C ASN A 200 -18.08 0.23 12.91
N THR A 201 -19.12 0.62 12.16
CA THR A 201 -18.90 1.30 10.90
C THR A 201 -19.68 2.61 10.87
N LEU A 202 -19.04 3.64 10.32
CA LEU A 202 -19.64 4.93 10.07
C LEU A 202 -19.73 5.15 8.56
N TYR A 203 -20.82 5.78 8.10
CA TYR A 203 -21.07 5.98 6.68
C TYR A 203 -21.32 7.44 6.38
N LEU A 204 -20.98 7.85 5.16
CA LEU A 204 -21.36 9.14 4.60
C LEU A 204 -21.88 8.91 3.19
N GLN A 205 -23.17 9.15 2.97
CA GLN A 205 -23.79 9.09 1.66
C GLN A 205 -23.84 10.51 1.09
N MET A 206 -23.16 10.73 -0.04
CA MET A 206 -23.08 12.06 -0.64
C MET A 206 -23.80 12.04 -1.97
N ASN A 207 -24.86 12.84 -2.09
CA ASN A 207 -25.65 12.95 -3.30
C ASN A 207 -25.49 14.36 -3.89
N SER A 208 -25.85 14.49 -5.17
CA SER A 208 -25.86 15.78 -5.86
C SER A 208 -24.53 16.50 -5.69
N LEU A 209 -23.45 15.80 -6.00
CA LEU A 209 -22.13 16.32 -5.66
C LEU A 209 -21.76 17.50 -6.55
N ARG A 210 -21.03 18.45 -5.97
CA ARG A 210 -20.58 19.63 -6.68
C ARG A 210 -19.07 19.70 -6.66
N ALA A 211 -18.52 20.46 -7.60
CA ALA A 211 -17.08 20.67 -7.65
C ALA A 211 -16.52 21.15 -6.32
N GLU A 212 -17.27 22.01 -5.60
CA GLU A 212 -16.84 22.49 -4.28
C GLU A 212 -16.73 21.38 -3.24
N ASP A 213 -17.27 20.19 -3.50
CA ASP A 213 -17.16 19.08 -2.57
C ASP A 213 -15.85 18.32 -2.71
N THR A 214 -15.01 18.68 -3.69
CA THR A 214 -13.75 17.99 -3.89
C THR A 214 -12.84 18.22 -2.70
N ALA A 215 -12.38 17.13 -2.06
CA ALA A 215 -11.65 17.28 -0.81
C ALA A 215 -11.21 15.92 -0.32
N VAL A 216 -10.21 15.93 0.55
CA VAL A 216 -9.94 14.76 1.37
C VAL A 216 -10.97 14.76 2.50
N TYR A 217 -11.63 13.61 2.67
CA TYR A 217 -12.62 13.38 3.72
C TYR A 217 -12.03 12.49 4.81
N TYR A 218 -12.20 12.94 6.06
CA TYR A 218 -11.69 12.26 7.24
C TYR A 218 -12.89 11.86 8.09
N CYS A 219 -12.91 10.62 8.55
CA CYS A 219 -13.82 10.33 9.64
C CYS A 219 -13.12 10.63 10.95
N ARG A 220 -13.90 10.77 12.00
CA ARG A 220 -13.40 11.30 13.26
C ARG A 220 -14.32 10.82 14.36
N GLY A 221 -13.73 10.48 15.50
CA GLY A 221 -14.50 9.98 16.63
C GLY A 221 -14.07 10.70 17.89
N VAL A 222 -15.05 11.19 18.65
CA VAL A 222 -14.80 12.10 19.77
C VAL A 222 -15.58 11.64 20.98
N TYR A 223 -14.93 11.71 22.14
CA TYR A 223 -15.55 11.34 23.41
C TYR A 223 -14.89 12.17 24.49
N TYR A 224 -15.66 12.59 25.49
CA TYR A 224 -15.14 13.46 26.53
C TYR A 224 -15.18 12.70 27.85
N ALA A 225 -16.19 12.90 28.69
CA ALA A 225 -16.33 12.15 29.94
C ALA A 225 -15.03 12.05 30.72
N LEU A 226 -14.58 10.83 31.01
CA LEU A 226 -13.49 10.66 31.97
C LEU A 226 -12.23 10.03 31.39
N SER A 227 -12.21 9.67 30.11
CA SER A 227 -10.98 9.34 29.40
C SER A 227 -11.11 9.78 27.95
N PRO A 228 -10.93 11.08 27.69
CA PRO A 228 -11.34 11.64 26.40
C PRO A 228 -10.47 11.23 25.23
N PHE A 229 -11.08 11.24 24.04
CA PHE A 229 -10.30 11.07 22.83
C PHE A 229 -10.93 11.87 21.69
N ASP A 230 -10.12 12.11 20.67
CA ASP A 230 -10.50 12.79 19.42
C ASP A 230 -9.64 12.14 18.34
N TYR A 231 -10.14 11.03 17.75
CA TYR A 231 -9.39 10.26 16.77
C TYR A 231 -9.75 10.66 15.35
N TRP A 232 -8.76 10.62 14.46
CA TRP A 232 -8.94 10.94 13.05
C TRP A 232 -8.55 9.73 12.19
N GLY A 233 -9.29 9.52 11.12
CA GLY A 233 -8.97 8.47 10.18
C GLY A 233 -7.81 8.87 9.30
N GLN A 234 -7.65 8.14 8.20
CA GLN A 234 -6.52 8.33 7.28
C GLN A 234 -6.81 9.33 6.18
N GLY A 235 -8.07 9.65 5.93
CA GLY A 235 -8.42 10.55 4.85
C GLY A 235 -8.56 9.83 3.52
N THR A 236 -9.61 10.13 2.76
CA THR A 236 -9.71 9.60 1.41
C THR A 236 -10.15 10.72 0.47
N LEU A 237 -9.52 10.78 -0.70
CA LEU A 237 -9.79 11.84 -1.64
C LEU A 237 -11.04 11.54 -2.45
N VAL A 238 -11.92 12.52 -2.55
CA VAL A 238 -13.06 12.49 -3.43
C VAL A 238 -12.90 13.65 -4.39
N THR A 239 -12.89 13.35 -5.68
CA THR A 239 -12.73 14.35 -6.72
C THR A 239 -14.01 14.39 -7.53
N VAL A 240 -14.72 15.51 -7.44
CA VAL A 240 -15.91 15.72 -8.24
C VAL A 240 -15.44 16.35 -9.54
N SER A 241 -15.43 15.57 -10.61
CA SER A 241 -14.92 16.03 -11.90
C SER A 241 -15.72 15.40 -13.02
N SER A 242 -16.04 16.20 -14.03
CA SER A 242 -16.72 15.70 -15.21
C SER A 242 -15.75 15.30 -16.31
N ARG A 243 -14.44 15.42 -16.09
CA ARG A 243 -13.43 15.29 -17.13
C ARG A 243 -12.70 13.97 -17.06
N THR A 244 -13.19 13.04 -16.25
CA THR A 244 -12.57 11.75 -16.01
C THR A 244 -13.71 10.78 -15.78
N ALA A 245 -13.59 9.56 -16.31
CA ALA A 245 -14.59 8.55 -16.01
C ALA A 245 -14.63 8.28 -14.51
N SER A 246 -15.83 7.97 -14.01
CA SER A 246 -16.00 7.76 -12.58
C SER A 246 -15.43 6.43 -12.12
N THR A 247 -14.90 6.43 -10.90
CA THR A 247 -14.36 5.22 -10.28
C THR A 247 -15.50 4.39 -9.68
N LYS A 248 -15.30 3.08 -9.68
CA LYS A 248 -16.25 2.15 -9.09
C LYS A 248 -15.48 0.98 -8.50
N GLY A 249 -15.77 0.66 -7.23
CA GLY A 249 -15.15 -0.46 -6.58
C GLY A 249 -15.76 -1.77 -7.04
N PRO A 250 -15.02 -2.86 -6.91
CA PRO A 250 -15.49 -4.14 -7.45
C PRO A 250 -16.47 -4.85 -6.54
N SER A 251 -17.29 -5.69 -7.15
CA SER A 251 -18.00 -6.76 -6.45
C SER A 251 -17.27 -8.07 -6.68
N VAL A 252 -17.28 -8.95 -5.68
CA VAL A 252 -16.51 -10.18 -5.70
C VAL A 252 -17.45 -11.36 -5.45
N PHE A 253 -17.51 -12.28 -6.41
CA PHE A 253 -18.37 -13.43 -6.25
C PHE A 253 -17.54 -14.70 -6.23
N PRO A 254 -17.93 -15.70 -5.45
CA PRO A 254 -17.15 -16.93 -5.38
C PRO A 254 -17.38 -17.81 -6.60
N LEU A 255 -16.32 -18.50 -6.99
CA LEU A 255 -16.40 -19.59 -7.95
C LEU A 255 -16.19 -20.86 -7.12
N ALA A 256 -17.27 -21.40 -6.56
CA ALA A 256 -17.17 -22.53 -5.65
C ALA A 256 -16.69 -23.78 -6.37
N PRO A 257 -15.94 -24.65 -5.71
CA PRO A 257 -15.46 -25.87 -6.37
C PRO A 257 -16.60 -26.86 -6.59
N SER A 258 -16.44 -27.70 -7.61
CA SER A 258 -17.49 -28.60 -8.06
C SER A 258 -17.74 -29.73 -7.04
N SER A 259 -18.88 -30.40 -7.21
CA SER A 259 -19.32 -31.46 -6.29
C SER A 259 -19.22 -32.87 -6.89
N GLY A 265 -8.26 -36.34 -6.93
CA GLY A 265 -7.61 -35.58 -7.98
C GLY A 265 -7.42 -34.10 -7.68
N THR A 266 -7.67 -33.25 -8.68
CA THR A 266 -7.46 -31.81 -8.57
C THR A 266 -8.79 -31.08 -8.61
N ALA A 267 -8.91 -30.04 -7.78
CA ALA A 267 -10.08 -29.17 -7.79
C ALA A 267 -9.63 -27.76 -8.14
N ALA A 268 -10.54 -27.02 -8.77
CA ALA A 268 -10.33 -25.62 -9.09
C ALA A 268 -11.40 -24.79 -8.40
N LEU A 269 -11.00 -23.63 -7.88
CA LEU A 269 -11.94 -22.67 -7.31
C LEU A 269 -11.42 -21.27 -7.60
N GLY A 270 -12.24 -20.27 -7.35
CA GLY A 270 -11.76 -18.95 -7.64
C GLY A 270 -12.70 -17.85 -7.18
N CYS A 271 -12.36 -16.64 -7.64
CA CYS A 271 -13.12 -15.44 -7.37
C CYS A 271 -13.37 -14.72 -8.68
N LEU A 272 -14.62 -14.31 -8.90
CA LEU A 272 -14.99 -13.44 -10.00
C LEU A 272 -15.02 -12.00 -9.49
N VAL A 273 -14.16 -11.15 -10.04
CA VAL A 273 -13.98 -9.77 -9.62
C VAL A 273 -14.57 -8.89 -10.71
N LYS A 274 -15.70 -8.26 -10.42
CA LYS A 274 -16.53 -7.67 -11.45
C LYS A 274 -16.86 -6.23 -11.13
N ASP A 275 -17.11 -5.44 -12.17
CA ASP A 275 -17.82 -4.16 -12.08
C ASP A 275 -16.98 -3.05 -11.44
N TYR A 276 -15.70 -2.98 -11.76
CA TYR A 276 -14.86 -1.94 -11.19
C TYR A 276 -14.27 -1.05 -12.28
N PHE A 277 -13.80 0.13 -11.87
CA PHE A 277 -13.15 1.02 -12.84
C PHE A 277 -12.39 2.07 -12.05
N PRO A 278 -11.17 2.46 -12.47
CA PRO A 278 -10.40 1.88 -13.58
C PRO A 278 -9.58 0.72 -13.11
N GLU A 279 -8.65 0.29 -13.96
CA GLU A 279 -7.64 -0.65 -13.56
C GLU A 279 -6.64 0.04 -12.62
N PRO A 280 -5.93 -0.72 -11.78
CA PRO A 280 -5.96 -2.19 -11.59
C PRO A 280 -6.62 -2.62 -10.29
N VAL A 281 -6.96 -3.91 -10.19
CA VAL A 281 -7.15 -4.57 -8.91
C VAL A 281 -5.95 -5.48 -8.70
N THR A 282 -5.59 -5.72 -7.44
CA THR A 282 -4.67 -6.79 -7.10
C THR A 282 -5.45 -7.88 -6.38
N VAL A 283 -5.15 -9.13 -6.70
CA VAL A 283 -5.83 -10.27 -6.11
C VAL A 283 -4.79 -11.14 -5.43
N SER A 284 -5.06 -11.53 -4.20
CA SER A 284 -4.24 -12.51 -3.52
C SER A 284 -5.15 -13.57 -2.93
N TRP A 285 -4.54 -14.68 -2.54
CA TRP A 285 -5.25 -15.76 -1.89
C TRP A 285 -4.65 -15.98 -0.50
N ASN A 286 -5.53 -16.15 0.49
CA ASN A 286 -5.14 -16.38 1.88
C ASN A 286 -4.05 -15.40 2.30
N SER A 287 -4.31 -14.12 2.05
CA SER A 287 -3.42 -13.00 2.40
C SER A 287 -1.99 -13.18 1.89
N GLY A 288 -1.84 -13.89 0.77
CA GLY A 288 -0.54 -14.12 0.19
C GLY A 288 0.07 -15.45 0.56
N ALA A 289 -0.56 -16.21 1.47
CA ALA A 289 -0.03 -17.52 1.85
C ALA A 289 -0.13 -18.54 0.72
N LEU A 290 -1.04 -18.35 -0.23
CA LEU A 290 -1.28 -19.33 -1.29
C LEU A 290 -0.95 -18.69 -2.62
N THR A 291 0.11 -19.17 -3.29
CA THR A 291 0.55 -18.57 -4.54
C THR A 291 0.72 -19.60 -5.66
N SER A 292 1.00 -20.85 -5.31
CA SER A 292 1.25 -21.88 -6.32
C SER A 292 -0.06 -22.33 -6.95
N GLY A 293 -0.08 -22.40 -8.28
CA GLY A 293 -1.28 -22.79 -8.98
C GLY A 293 -2.30 -21.68 -9.15
N VAL A 294 -1.95 -20.44 -8.78
CA VAL A 294 -2.85 -19.29 -8.95
C VAL A 294 -2.70 -18.74 -10.36
N HIS A 295 -3.83 -18.44 -10.99
CA HIS A 295 -3.85 -17.68 -12.24
C HIS A 295 -4.86 -16.55 -12.07
N THR A 296 -4.40 -15.32 -12.19
CA THR A 296 -5.28 -14.15 -12.25
C THR A 296 -5.30 -13.66 -13.69
N PHE A 297 -6.47 -13.71 -14.32
CA PHE A 297 -6.51 -13.39 -15.73
C PHE A 297 -6.50 -11.88 -15.96
N PRO A 298 -6.01 -11.44 -17.12
CA PRO A 298 -6.16 -10.03 -17.49
C PRO A 298 -7.61 -9.60 -17.43
N ALA A 299 -7.83 -8.36 -17.00
CA ALA A 299 -9.18 -7.81 -16.96
C ALA A 299 -9.68 -7.50 -18.36
N VAL A 300 -10.99 -7.63 -18.56
CA VAL A 300 -11.64 -7.27 -19.83
C VAL A 300 -12.69 -6.20 -19.52
N LEU A 301 -12.79 -5.21 -20.40
CA LEU A 301 -13.79 -4.17 -20.22
C LEU A 301 -15.13 -4.65 -20.79
N GLN A 302 -16.16 -4.67 -19.95
CA GLN A 302 -17.47 -5.16 -20.37
C GLN A 302 -18.26 -4.04 -21.05
N SER A 303 -19.41 -4.42 -21.63
CA SER A 303 -20.28 -3.47 -22.32
C SER A 303 -20.86 -2.42 -21.37
N SER A 304 -20.86 -2.70 -20.08
CA SER A 304 -21.26 -1.71 -19.07
C SER A 304 -20.22 -0.63 -18.87
N GLY A 305 -19.04 -0.78 -19.45
CA GLY A 305 -17.96 0.14 -19.17
C GLY A 305 -17.15 -0.19 -17.95
N LEU A 306 -17.35 -1.36 -17.36
CA LEU A 306 -16.62 -1.77 -16.16
C LEU A 306 -15.79 -3.02 -16.42
N TYR A 307 -14.67 -3.12 -15.72
CA TYR A 307 -13.77 -4.25 -15.88
C TYR A 307 -14.29 -5.46 -15.12
N SER A 308 -13.93 -6.64 -15.61
CA SER A 308 -14.22 -7.87 -14.90
C SER A 308 -13.04 -8.81 -15.14
N LEU A 309 -12.74 -9.64 -14.15
CA LEU A 309 -11.73 -10.67 -14.32
C LEU A 309 -12.04 -11.82 -13.35
N SER A 310 -11.33 -12.93 -13.55
CA SER A 310 -11.38 -14.07 -12.62
C SER A 310 -9.98 -14.35 -12.11
N SER A 311 -9.89 -14.72 -10.84
CA SER A 311 -8.69 -15.31 -10.29
C SER A 311 -9.05 -16.72 -9.86
N VAL A 312 -8.23 -17.69 -10.27
CA VAL A 312 -8.52 -19.09 -9.98
C VAL A 312 -7.28 -19.73 -9.38
N VAL A 313 -7.52 -20.81 -8.64
CA VAL A 313 -6.44 -21.60 -8.05
C VAL A 313 -6.84 -23.07 -8.14
N THR A 314 -5.87 -23.92 -8.48
CA THR A 314 -6.05 -25.37 -8.39
C THR A 314 -5.45 -25.85 -7.06
N VAL A 315 -6.20 -26.70 -6.37
CA VAL A 315 -5.77 -27.36 -5.14
C VAL A 315 -6.17 -28.82 -5.21
N PRO A 316 -5.57 -29.67 -4.38
CA PRO A 316 -6.05 -31.06 -4.30
C PRO A 316 -7.42 -31.10 -3.63
N SER A 317 -8.32 -31.93 -4.17
CA SER A 317 -9.66 -32.00 -3.60
C SER A 317 -9.64 -32.50 -2.16
N SER A 318 -8.55 -33.17 -1.74
CA SER A 318 -8.35 -33.52 -0.34
C SER A 318 -8.50 -32.32 0.58
N SER A 319 -8.20 -31.13 0.08
CA SER A 319 -8.08 -29.95 0.94
C SER A 319 -9.38 -29.17 1.09
N LEU A 320 -10.39 -29.45 0.27
CA LEU A 320 -11.64 -28.70 0.34
C LEU A 320 -12.33 -28.85 1.68
N GLY A 321 -12.03 -29.90 2.44
CA GLY A 321 -12.56 -30.03 3.78
C GLY A 321 -11.82 -29.19 4.81
N THR A 322 -10.51 -29.43 4.95
CA THR A 322 -9.72 -28.75 5.99
C THR A 322 -9.45 -27.30 5.62
N GLN A 323 -8.80 -27.08 4.48
CA GLN A 323 -8.22 -25.78 4.15
C GLN A 323 -9.30 -24.73 3.90
N THR A 324 -9.07 -23.53 4.43
CA THR A 324 -9.89 -22.36 4.13
C THR A 324 -9.28 -21.62 2.94
N TYR A 325 -10.15 -21.12 2.04
CA TYR A 325 -9.73 -20.42 0.85
C TYR A 325 -10.44 -19.07 0.78
N ILE A 326 -9.66 -17.99 0.79
CA ILE A 326 -10.15 -16.61 0.81
C ILE A 326 -9.39 -15.83 -0.25
N CYS A 327 -10.11 -15.18 -1.16
CA CYS A 327 -9.44 -14.28 -2.08
C CYS A 327 -9.53 -12.86 -1.54
N ASN A 328 -8.41 -12.14 -1.63
CA ASN A 328 -8.31 -10.78 -1.13
C ASN A 328 -8.17 -9.86 -2.33
N VAL A 329 -9.12 -8.95 -2.49
CA VAL A 329 -9.18 -8.05 -3.64
C VAL A 329 -8.93 -6.63 -3.14
N ASN A 330 -7.96 -5.95 -3.75
CA ASN A 330 -7.65 -4.55 -3.43
C ASN A 330 -7.83 -3.70 -4.69
N HIS A 331 -8.64 -2.65 -4.58
CA HIS A 331 -8.84 -1.70 -5.67
C HIS A 331 -8.45 -0.30 -5.17
N LYS A 332 -7.19 0.08 -5.38
CA LYS A 332 -6.73 1.37 -4.87
C LYS A 332 -7.51 2.57 -5.38
N PRO A 333 -7.90 2.67 -6.66
CA PRO A 333 -8.58 3.90 -7.10
C PRO A 333 -9.85 4.18 -6.35
N SER A 334 -10.49 3.15 -5.80
CA SER A 334 -11.70 3.34 -5.00
C SER A 334 -11.44 3.19 -3.52
N ASN A 335 -10.20 2.90 -3.13
CA ASN A 335 -9.85 2.74 -1.73
C ASN A 335 -10.75 1.69 -1.06
N THR A 336 -11.00 0.59 -1.77
CA THR A 336 -11.82 -0.47 -1.22
C THR A 336 -11.07 -1.79 -1.26
N LYS A 337 -11.32 -2.62 -0.25
CA LYS A 337 -10.76 -3.96 -0.12
C LYS A 337 -11.91 -4.91 0.15
N VAL A 338 -11.88 -6.08 -0.48
CA VAL A 338 -12.94 -7.07 -0.33
C VAL A 338 -12.30 -8.44 -0.13
N ASP A 339 -12.72 -9.16 0.91
CA ASP A 339 -12.36 -10.55 1.13
C ASP A 339 -13.58 -11.42 0.90
N LYS A 340 -13.43 -12.50 0.14
CA LYS A 340 -14.52 -13.44 -0.07
C LYS A 340 -14.02 -14.85 0.23
N LYS A 341 -14.64 -15.49 1.21
CA LYS A 341 -14.38 -16.90 1.45
C LYS A 341 -15.03 -17.73 0.35
N VAL A 342 -14.27 -18.65 -0.21
CA VAL A 342 -14.75 -19.56 -1.26
C VAL A 342 -14.83 -20.94 -0.65
N GLU A 343 -16.04 -21.46 -0.48
CA GLU A 343 -16.20 -22.75 0.16
C GLU A 343 -17.00 -23.69 -0.73
N PRO A 344 -16.81 -25.01 -0.58
CA PRO A 344 -17.60 -25.94 -1.40
C PRO A 344 -19.07 -25.78 -1.08
N LYS A 345 -19.90 -25.79 -2.12
CA LYS A 345 -21.33 -25.66 -1.93
C LYS A 345 -21.83 -26.94 -1.25
N SER A 346 -22.48 -26.77 -0.10
CA SER A 346 -22.94 -27.90 0.71
C SER A 346 -24.44 -28.04 0.58
N CYS A 347 -24.90 -29.23 0.27
CA CYS A 347 -26.32 -29.48 0.03
C CYS A 347 -27.04 -29.92 1.30
N ASP B 1 -22.67 31.07 12.27
CA ASP B 1 -21.39 30.38 12.17
C ASP B 1 -20.35 31.12 12.99
N ILE B 2 -19.77 30.44 13.99
CA ILE B 2 -18.65 31.01 14.70
C ILE B 2 -17.42 30.93 13.79
N VAL B 3 -16.81 32.09 13.54
CA VAL B 3 -15.61 32.15 12.73
C VAL B 3 -14.39 32.08 13.65
N MET B 4 -13.43 31.21 13.31
CA MET B 4 -12.18 31.08 14.05
C MET B 4 -11.04 31.65 13.21
N THR B 5 -10.37 32.67 13.71
CA THR B 5 -9.23 33.25 13.01
C THR B 5 -7.95 32.95 13.78
N GLN B 6 -6.88 32.67 13.05
CA GLN B 6 -5.59 32.37 13.67
C GLN B 6 -4.54 33.33 13.19
N THR B 7 -3.59 33.63 14.08
CA THR B 7 -2.41 34.46 13.89
C THR B 7 -1.21 33.76 14.49
N PRO B 8 -0.02 33.84 13.85
CA PRO B 8 0.25 34.32 12.50
C PRO B 8 -0.25 33.36 11.43
N LEU B 9 -0.10 33.73 10.16
CA LEU B 9 -0.31 32.78 9.08
C LEU B 9 0.73 31.67 9.11
N SER B 10 1.98 32.03 9.39
CA SER B 10 3.07 31.07 9.47
C SER B 10 4.20 31.69 10.29
N LEU B 11 5.04 30.82 10.85
CA LEU B 11 6.19 31.28 11.62
C LEU B 11 7.33 30.29 11.45
N SER B 12 8.56 30.78 11.64
CA SER B 12 9.72 29.91 11.60
C SER B 12 10.61 30.14 12.80
N VAL B 13 11.17 29.06 13.32
CA VAL B 13 12.05 29.09 14.48
C VAL B 13 13.26 28.25 14.16
N THR B 14 14.35 28.49 14.89
CA THR B 14 15.45 27.54 14.84
C THR B 14 15.11 26.34 15.73
N PRO B 15 15.65 25.16 15.43
CA PRO B 15 15.24 23.96 16.18
C PRO B 15 15.38 24.15 17.69
N GLY B 16 14.39 23.66 18.43
CA GLY B 16 14.38 23.71 19.88
C GLY B 16 13.88 24.99 20.51
N GLN B 17 13.51 25.99 19.72
CA GLN B 17 13.04 27.27 20.23
C GLN B 17 11.52 27.29 20.34
N PRO B 18 10.95 28.16 21.17
CA PRO B 18 9.50 28.15 21.39
C PRO B 18 8.72 28.84 20.27
N ALA B 19 7.41 28.54 20.23
CA ALA B 19 6.48 29.13 19.28
C ALA B 19 5.16 29.35 19.98
N SER B 20 4.48 30.43 19.64
CA SER B 20 3.17 30.74 20.19
C SER B 20 2.18 31.00 19.06
N ILE B 21 0.98 30.46 19.20
CA ILE B 21 -0.04 30.50 18.17
C ILE B 21 -1.33 30.95 18.81
N SER B 22 -2.05 31.85 18.16
CA SER B 22 -3.26 32.38 18.77
C SER B 22 -4.46 32.10 17.88
N CYS B 23 -5.62 31.98 18.54
CA CYS B 23 -6.90 31.71 17.91
C CYS B 23 -7.90 32.71 18.46
N LYS B 24 -8.67 33.33 17.58
CA LYS B 24 -9.71 34.28 17.99
C LYS B 24 -11.05 33.80 17.44
N SER B 25 -12.06 33.71 18.29
CA SER B 25 -13.39 33.33 17.82
C SER B 25 -14.28 34.56 17.74
N SER B 26 -15.25 34.51 16.82
CA SER B 26 -16.17 35.62 16.59
C SER B 26 -17.23 35.73 17.69
N GLN B 27 -17.41 34.69 18.51
CA GLN B 27 -18.31 34.70 19.65
C GLN B 27 -17.65 33.90 20.76
N SER B 28 -18.15 34.09 21.98
CA SER B 28 -17.61 33.34 23.10
C SER B 28 -17.79 31.84 22.91
N LEU B 29 -16.78 31.07 23.29
CA LEU B 29 -16.88 29.62 23.13
C LEU B 29 -17.38 28.92 24.38
N VAL B 30 -17.95 29.65 25.33
CA VAL B 30 -18.43 29.04 26.57
C VAL B 30 -19.78 28.39 26.30
N HIS B 31 -19.85 27.07 26.45
CA HIS B 31 -21.11 26.35 26.28
C HIS B 31 -22.01 26.62 27.49
N ASN B 32 -23.30 26.32 27.31
CA ASN B 32 -24.25 26.55 28.40
C ASN B 32 -23.98 25.63 29.59
N ASN B 33 -23.28 24.51 29.39
CA ASN B 33 -22.84 23.69 30.52
C ASN B 33 -21.50 24.17 31.13
N ALA B 34 -21.15 25.44 30.93
CA ALA B 34 -19.95 26.10 31.43
C ALA B 34 -18.64 25.51 30.91
N ASN B 35 -18.69 24.54 29.99
CA ASN B 35 -17.47 24.06 29.34
C ASN B 35 -17.13 24.93 28.14
N THR B 36 -15.84 25.03 27.83
CA THR B 36 -15.34 25.76 26.66
C THR B 36 -14.70 24.75 25.70
N TYR B 37 -15.41 24.35 24.65
CA TYR B 37 -14.95 23.28 23.76
C TYR B 37 -14.03 23.85 22.68
N LEU B 38 -12.83 24.26 23.09
CA LEU B 38 -11.80 24.72 22.18
C LEU B 38 -10.71 23.65 22.10
N SER B 39 -10.34 23.27 20.89
CA SER B 39 -9.38 22.19 20.70
C SER B 39 -8.26 22.65 19.78
N TRP B 40 -7.11 21.99 19.90
CA TRP B 40 -5.97 22.28 19.05
C TRP B 40 -5.50 21.00 18.37
N TYR B 41 -5.12 21.15 17.10
CA TYR B 41 -4.77 20.04 16.23
C TYR B 41 -3.51 20.37 15.47
N LEU B 42 -2.71 19.34 15.22
CA LEU B 42 -1.54 19.44 14.37
C LEU B 42 -1.75 18.55 13.16
N GLN B 43 -1.45 19.07 11.98
CA GLN B 43 -1.46 18.30 10.76
C GLN B 43 -0.05 18.36 10.16
N LYS B 44 0.72 17.28 10.36
CA LYS B 44 2.05 17.16 9.77
C LYS B 44 1.93 17.05 8.25
N PRO B 45 2.98 17.42 7.52
CA PRO B 45 2.85 17.51 6.05
C PRO B 45 2.46 16.18 5.44
N GLY B 46 1.36 16.19 4.67
CA GLY B 46 0.83 15.02 4.01
C GLY B 46 0.10 14.01 4.88
N GLN B 47 -0.21 14.32 6.14
CA GLN B 47 -0.81 13.36 7.06
C GLN B 47 -2.16 13.85 7.55
N SER B 48 -2.85 12.98 8.29
CA SER B 48 -4.11 13.32 8.92
C SER B 48 -3.87 14.28 10.07
N PRO B 49 -4.84 15.11 10.42
CA PRO B 49 -4.75 15.88 11.66
C PRO B 49 -4.63 14.94 12.84
N GLN B 50 -4.01 15.43 13.91
CA GLN B 50 -3.97 14.73 15.17
C GLN B 50 -4.30 15.70 16.28
N SER B 51 -5.05 15.22 17.28
CA SER B 51 -5.59 16.06 18.33
C SER B 51 -4.58 16.24 19.45
N LEU B 52 -4.37 17.48 19.84
CA LEU B 52 -3.43 17.80 20.91
C LEU B 52 -4.13 18.18 22.20
N ILE B 53 -5.00 19.18 22.14
CA ILE B 53 -5.59 19.82 23.30
C ILE B 53 -7.11 19.80 23.15
N TYR B 54 -7.83 19.52 24.23
CA TYR B 54 -9.27 19.71 24.26
C TYR B 54 -9.62 20.62 25.44
N LYS B 55 -10.84 21.16 25.41
CA LYS B 55 -11.34 22.09 26.43
C LYS B 55 -10.25 23.05 26.90
N VAL B 56 -9.70 23.76 25.92
CA VAL B 56 -8.76 24.86 26.11
C VAL B 56 -7.37 24.39 26.52
N SER B 57 -7.29 23.60 27.58
CA SER B 57 -5.99 23.40 28.23
C SER B 57 -5.63 21.97 28.57
N ASN B 58 -6.46 20.98 28.23
CA ASN B 58 -6.19 19.59 28.61
C ASN B 58 -5.51 18.86 27.46
N ARG B 59 -4.43 18.12 27.78
CA ARG B 59 -3.75 17.31 26.77
C ARG B 59 -4.44 15.95 26.65
N PHE B 60 -4.56 15.46 25.42
CA PHE B 60 -4.96 14.08 25.20
C PHE B 60 -3.82 13.13 25.60
N SER B 61 -4.16 11.85 25.81
CA SER B 61 -3.18 10.84 26.20
C SER B 61 -2.03 10.80 25.20
N GLY B 62 -0.81 10.75 25.71
CA GLY B 62 0.35 10.67 24.86
C GLY B 62 0.82 11.99 24.26
N VAL B 63 0.08 13.07 24.44
CA VAL B 63 0.53 14.34 23.88
C VAL B 63 1.65 14.89 24.76
N PRO B 64 2.78 15.28 24.17
CA PRO B 64 3.93 15.70 24.98
C PRO B 64 3.63 16.95 25.79
N ASP B 65 4.40 17.11 26.87
CA ASP B 65 4.18 18.19 27.81
C ASP B 65 4.54 19.55 27.23
N ARG B 66 5.35 19.59 26.18
CA ARG B 66 5.76 20.88 25.60
C ARG B 66 4.62 21.60 24.87
N PHE B 67 3.47 20.96 24.67
CA PHE B 67 2.29 21.64 24.14
C PHE B 67 1.41 22.08 25.29
N SER B 68 1.03 23.36 25.32
CA SER B 68 0.11 23.86 26.34
C SER B 68 -0.86 24.86 25.72
N GLY B 69 -2.10 24.83 26.18
CA GLY B 69 -3.12 25.73 25.71
C GLY B 69 -3.68 26.56 26.86
N SER B 70 -4.05 27.79 26.55
CA SER B 70 -4.60 28.72 27.54
C SER B 70 -5.60 29.65 26.87
N GLY B 71 -6.24 30.48 27.68
CA GLY B 71 -7.14 31.49 27.19
C GLY B 71 -8.57 31.19 27.64
N SER B 72 -9.46 32.07 27.20
CA SER B 72 -10.83 32.04 27.70
C SER B 72 -11.68 32.96 26.82
N GLY B 73 -12.98 32.67 26.78
CA GLY B 73 -13.91 33.54 26.09
C GLY B 73 -13.78 33.51 24.58
N THR B 74 -13.02 34.45 24.01
CA THR B 74 -12.80 34.50 22.57
C THR B 74 -11.33 34.45 22.17
N ASP B 75 -10.40 34.47 23.13
CA ASP B 75 -8.98 34.55 22.82
C ASP B 75 -8.26 33.34 23.40
N PHE B 76 -7.55 32.59 22.55
CA PHE B 76 -6.90 31.36 22.97
C PHE B 76 -5.52 31.29 22.35
N THR B 77 -4.62 30.64 23.07
CA THR B 77 -3.23 30.53 22.69
C THR B 77 -2.77 29.10 22.87
N LEU B 78 -1.97 28.63 21.93
CA LEU B 78 -1.22 27.39 22.08
C LEU B 78 0.24 27.75 22.12
N LYS B 79 0.94 27.30 23.16
CA LYS B 79 2.37 27.51 23.30
C LYS B 79 3.07 26.19 23.05
N ILE B 80 4.08 26.20 22.20
CA ILE B 80 4.99 25.08 22.06
C ILE B 80 6.31 25.54 22.64
N SER B 81 6.69 25.00 23.80
CA SER B 81 7.88 25.51 24.50
C SER B 81 9.16 25.22 23.72
N ARG B 82 9.21 24.09 23.04
CA ARG B 82 10.36 23.76 22.21
C ARG B 82 9.83 23.12 20.94
N VAL B 83 10.09 23.74 19.79
CA VAL B 83 9.66 23.18 18.52
C VAL B 83 10.69 22.15 18.08
N GLU B 84 10.33 20.88 18.18
CA GLU B 84 11.20 19.80 17.72
C GLU B 84 10.89 19.49 16.25
N ALA B 85 11.78 18.68 15.65
CA ALA B 85 11.70 18.46 14.20
C ALA B 85 10.39 17.80 13.78
N GLU B 86 9.76 17.03 14.67
CA GLU B 86 8.51 16.38 14.31
C GLU B 86 7.29 17.20 14.70
N ASP B 87 7.48 18.41 15.23
CA ASP B 87 6.38 19.32 15.52
C ASP B 87 6.04 20.24 14.35
N VAL B 88 6.77 20.18 13.24
CA VAL B 88 6.47 21.08 12.12
C VAL B 88 5.21 20.61 11.40
N GLY B 89 4.46 21.57 10.88
CA GLY B 89 3.20 21.31 10.20
C GLY B 89 2.28 22.50 10.36
N VAL B 90 0.99 22.25 10.17
CA VAL B 90 -0.04 23.27 10.29
C VAL B 90 -0.85 22.97 11.54
N TYR B 91 -0.98 23.96 12.42
CA TYR B 91 -1.77 23.87 13.63
C TYR B 91 -3.13 24.52 13.40
N TYR B 92 -4.19 23.86 13.85
CA TYR B 92 -5.56 24.33 13.69
C TYR B 92 -6.23 24.37 15.05
N CYS B 93 -6.96 25.45 15.32
CA CYS B 93 -7.88 25.42 16.43
C CYS B 93 -9.25 25.00 15.92
N GLY B 94 -10.13 24.59 16.82
CA GLY B 94 -11.49 24.25 16.44
C GLY B 94 -12.43 24.36 17.62
N GLN B 95 -13.71 24.61 17.33
CA GLN B 95 -14.72 24.79 18.37
C GLN B 95 -15.84 23.78 18.21
N GLY B 96 -16.27 23.21 19.34
CA GLY B 96 -17.42 22.32 19.38
C GLY B 96 -18.52 22.85 20.27
N THR B 97 -18.64 24.18 20.36
CA THR B 97 -19.60 24.82 21.26
C THR B 97 -20.94 25.08 20.59
N GLN B 98 -20.93 25.48 19.32
CA GLN B 98 -22.16 25.82 18.63
C GLN B 98 -22.13 25.26 17.21
N TYR B 99 -23.28 24.71 16.76
CA TYR B 99 -23.40 24.23 15.38
C TYR B 99 -23.53 25.42 14.43
N PRO B 100 -22.96 25.35 13.22
CA PRO B 100 -22.06 24.27 12.78
C PRO B 100 -20.66 24.38 13.42
N PHE B 101 -20.04 23.24 13.74
CA PHE B 101 -18.67 23.28 14.23
C PHE B 101 -17.73 23.83 13.17
N THR B 102 -16.69 24.54 13.61
CA THR B 102 -15.79 25.21 12.70
C THR B 102 -14.36 25.06 13.19
N PHE B 103 -13.43 25.28 12.26
CA PHE B 103 -12.00 25.21 12.49
C PHE B 103 -11.36 26.54 12.12
N GLY B 104 -10.21 26.84 12.71
CA GLY B 104 -9.44 28.01 12.32
C GLY B 104 -8.77 27.84 10.96
N SER B 105 -8.18 28.93 10.51
CA SER B 105 -7.54 28.96 9.19
C SER B 105 -6.16 28.34 9.17
N GLY B 106 -5.61 27.92 10.31
CA GLY B 106 -4.30 27.28 10.31
C GLY B 106 -3.11 28.20 10.45
N THR B 107 -2.11 27.77 11.21
CA THR B 107 -0.83 28.46 11.34
C THR B 107 0.26 27.46 11.00
N LYS B 108 1.07 27.76 10.00
CA LYS B 108 2.15 26.88 9.60
C LYS B 108 3.39 27.15 10.45
N VAL B 109 3.95 26.10 11.01
CA VAL B 109 5.15 26.19 11.85
C VAL B 109 6.25 25.42 11.13
N GLU B 110 7.37 26.11 10.88
CA GLU B 110 8.50 25.52 10.17
C GLU B 110 9.79 25.83 10.91
N ILE B 111 10.82 25.07 10.58
CA ILE B 111 12.14 25.25 11.15
C ILE B 111 13.03 25.90 10.10
N LYS B 112 13.58 27.05 10.45
CA LYS B 112 14.47 27.79 9.57
C LYS B 112 15.90 27.38 9.88
N GLY B 113 16.59 26.84 8.88
CA GLY B 113 17.98 26.46 9.04
C GLY B 113 18.87 27.30 8.16
N GLN B 114 19.68 28.16 8.78
CA GLN B 114 20.59 29.01 8.02
C GLN B 114 21.57 28.21 7.14
N PRO B 115 22.18 27.12 7.59
CA PRO B 115 23.04 26.33 6.70
C PRO B 115 22.23 25.49 5.72
N LYS B 116 22.52 25.66 4.43
CA LYS B 116 21.99 24.79 3.38
C LYS B 116 23.12 23.91 2.86
N ALA B 117 22.90 22.60 2.84
CA ALA B 117 23.93 21.63 2.49
C ALA B 117 23.94 21.34 0.99
N ALA B 118 24.97 20.62 0.55
CA ALA B 118 24.96 20.10 -0.81
C ALA B 118 23.80 19.12 -0.95
N PRO B 119 23.10 19.12 -2.08
CA PRO B 119 22.00 18.17 -2.25
C PRO B 119 22.49 16.73 -2.26
N ASP B 120 21.57 15.82 -1.92
CA ASP B 120 21.83 14.39 -2.04
C ASP B 120 22.27 14.06 -3.46
N ILE B 121 23.20 13.11 -3.58
CA ILE B 121 23.66 12.72 -4.91
C ILE B 121 22.63 11.78 -5.52
N GLN B 122 22.26 12.04 -6.76
CA GLN B 122 21.28 11.22 -7.47
C GLN B 122 21.99 10.31 -8.45
N MET B 123 21.67 9.02 -8.42
CA MET B 123 22.26 8.06 -9.35
C MET B 123 21.20 7.61 -10.35
N THR B 124 21.52 7.71 -11.65
CA THR B 124 20.59 7.32 -12.70
C THR B 124 21.23 6.27 -13.60
N GLN B 125 20.61 5.11 -13.69
CA GLN B 125 21.16 4.00 -14.45
C GLN B 125 20.50 3.86 -15.82
N SER B 126 21.28 3.40 -16.80
CA SER B 126 20.79 3.19 -18.16
C SER B 126 21.31 1.86 -18.70
N PRO B 127 20.49 1.10 -19.45
CA PRO B 127 19.06 1.32 -19.73
C PRO B 127 18.22 0.91 -18.51
N SER B 128 16.89 1.04 -18.59
CA SER B 128 16.03 0.57 -17.52
C SER B 128 15.97 -0.95 -17.50
N SER B 129 15.85 -1.56 -18.67
CA SER B 129 15.92 -3.01 -18.79
C SER B 129 16.46 -3.36 -20.15
N LEU B 130 16.99 -4.57 -20.26
CA LEU B 130 17.55 -5.02 -21.51
C LEU B 130 17.41 -6.53 -21.55
N SER B 131 17.27 -7.04 -22.76
CA SER B 131 17.17 -8.46 -23.02
C SER B 131 18.35 -8.85 -23.91
N ALA B 132 19.10 -9.87 -23.50
CA ALA B 132 20.34 -10.20 -24.22
C ALA B 132 20.46 -11.71 -24.33
N SER B 133 21.54 -12.16 -24.95
CA SER B 133 21.75 -13.58 -25.25
C SER B 133 22.95 -14.11 -24.48
N VAL B 134 22.87 -15.39 -24.10
CA VAL B 134 24.03 -16.06 -23.52
C VAL B 134 25.22 -15.85 -24.44
N GLY B 135 26.36 -15.49 -23.86
CA GLY B 135 27.55 -15.21 -24.62
C GLY B 135 27.74 -13.77 -25.04
N ASP B 136 26.71 -12.92 -24.96
CA ASP B 136 26.86 -11.53 -25.35
C ASP B 136 27.74 -10.77 -24.36
N ARG B 137 28.40 -9.74 -24.87
CA ARG B 137 29.02 -8.74 -24.04
C ARG B 137 27.97 -7.67 -23.73
N VAL B 138 27.75 -7.41 -22.45
CA VAL B 138 26.70 -6.51 -21.99
C VAL B 138 27.35 -5.39 -21.19
N THR B 139 26.98 -4.14 -21.48
CA THR B 139 27.46 -3.00 -20.70
C THR B 139 26.27 -2.16 -20.29
N ILE B 140 26.23 -1.80 -19.02
CA ILE B 140 25.19 -0.94 -18.47
C ILE B 140 25.91 0.22 -17.79
N THR B 141 25.23 1.36 -17.69
CA THR B 141 25.89 2.58 -17.26
C THR B 141 25.14 3.24 -16.12
N CYS B 142 25.86 4.08 -15.40
CA CYS B 142 25.35 4.80 -14.25
C CYS B 142 25.86 6.22 -14.39
N GLN B 143 24.99 7.19 -14.18
CA GLN B 143 25.37 8.59 -14.18
C GLN B 143 25.06 9.22 -12.83
N ALA B 144 26.05 9.83 -12.20
CA ALA B 144 25.89 10.49 -10.91
C ALA B 144 25.70 11.99 -11.10
N SER B 145 24.83 12.59 -10.28
CA SER B 145 24.50 14.01 -10.40
C SER B 145 25.65 14.93 -9.97
N GLN B 146 26.58 14.42 -9.16
CA GLN B 146 27.79 15.14 -8.81
C GLN B 146 29.02 14.29 -9.16
N ASN B 147 30.18 14.94 -9.25
CA ASN B 147 31.41 14.19 -9.47
C ASN B 147 31.74 13.39 -8.20
N ILE B 148 31.83 12.08 -8.33
CA ILE B 148 32.10 11.21 -7.19
C ILE B 148 33.44 10.48 -7.36
N TYR B 149 34.31 11.00 -8.22
CA TYR B 149 35.64 10.44 -8.44
C TYR B 149 35.53 8.95 -8.77
N VAL B 150 36.06 8.07 -7.91
CA VAL B 150 35.93 6.64 -8.13
C VAL B 150 35.08 5.96 -7.07
N TRP B 151 34.40 6.72 -6.21
CA TRP B 151 33.68 6.12 -5.09
C TRP B 151 32.32 5.57 -5.54
N LEU B 152 32.38 4.50 -6.31
CA LEU B 152 31.19 3.93 -6.91
C LEU B 152 31.26 2.41 -6.87
N ASN B 153 30.19 1.78 -6.38
CA ASN B 153 30.08 0.34 -6.28
C ASN B 153 28.93 -0.17 -7.14
N TRP B 154 29.02 -1.44 -7.54
CA TRP B 154 27.96 -2.10 -8.29
C TRP B 154 27.48 -3.34 -7.55
N TYR B 155 26.16 -3.57 -7.54
CA TYR B 155 25.58 -4.73 -6.87
C TYR B 155 24.69 -5.51 -7.83
N GLN B 156 24.52 -6.80 -7.54
CA GLN B 156 23.60 -7.66 -8.25
C GLN B 156 22.54 -8.16 -7.28
N GLN B 157 21.27 -8.10 -7.69
CA GLN B 157 20.21 -8.64 -6.86
C GLN B 157 19.26 -9.47 -7.70
N LYS B 158 19.03 -10.71 -7.28
CA LYS B 158 18.06 -11.63 -7.86
C LYS B 158 16.77 -11.60 -7.04
N PRO B 159 15.61 -11.88 -7.64
CA PRO B 159 14.35 -11.71 -6.92
C PRO B 159 14.30 -12.56 -5.65
N GLY B 160 13.89 -11.93 -4.55
CA GLY B 160 13.80 -12.60 -3.28
C GLY B 160 15.10 -12.70 -2.50
N LYS B 161 16.22 -12.29 -3.07
CA LYS B 161 17.51 -12.40 -2.40
C LYS B 161 18.10 -11.02 -2.10
N ALA B 162 19.11 -11.02 -1.22
CA ALA B 162 19.81 -9.79 -0.90
C ALA B 162 20.79 -9.41 -2.01
N PRO B 163 21.09 -8.12 -2.14
CA PRO B 163 22.13 -7.71 -3.11
C PRO B 163 23.47 -8.35 -2.78
N LYS B 164 24.33 -8.37 -3.80
CA LYS B 164 25.67 -8.96 -3.72
C LYS B 164 26.64 -7.97 -4.36
N LEU B 165 27.65 -7.56 -3.61
CA LEU B 165 28.64 -6.66 -4.16
C LEU B 165 29.39 -7.33 -5.30
N LEU B 166 29.52 -6.61 -6.42
CA LEU B 166 30.29 -7.10 -7.55
C LEU B 166 31.60 -6.35 -7.70
N ILE B 167 31.53 -5.03 -7.66
CA ILE B 167 32.64 -4.17 -7.95
C ILE B 167 32.61 -3.02 -6.98
N TYR B 168 33.77 -2.67 -6.43
CA TYR B 168 33.88 -1.54 -5.53
C TYR B 168 34.96 -0.59 -6.01
N LYS B 169 34.78 0.69 -5.67
CA LYS B 169 35.71 1.75 -6.07
C LYS B 169 35.89 1.79 -7.59
N ALA B 170 34.75 1.74 -8.29
CA ALA B 170 34.63 1.91 -9.73
C ALA B 170 35.16 0.74 -10.53
N SER B 171 36.29 0.12 -10.12
CA SER B 171 36.87 -0.90 -11.00
C SER B 171 37.40 -2.15 -10.32
N ASN B 172 37.27 -2.31 -9.00
CA ASN B 172 37.87 -3.43 -8.29
C ASN B 172 36.88 -4.57 -8.12
N LEU B 173 37.26 -5.75 -8.62
CA LEU B 173 36.45 -6.94 -8.50
C LEU B 173 36.51 -7.46 -7.07
N HIS B 174 35.34 -7.71 -6.48
CA HIS B 174 35.29 -8.29 -5.14
C HIS B 174 35.61 -9.77 -5.18
N THR B 175 36.17 -10.26 -4.07
CA THR B 175 36.49 -11.69 -3.91
C THR B 175 35.28 -12.56 -4.18
N GLY B 176 35.49 -13.62 -4.97
CA GLY B 176 34.44 -14.57 -5.27
C GLY B 176 33.60 -14.23 -6.48
N VAL B 177 33.61 -12.99 -6.93
CA VAL B 177 32.85 -12.58 -8.12
C VAL B 177 33.59 -13.06 -9.37
N PRO B 178 32.91 -13.70 -10.33
CA PRO B 178 33.61 -14.15 -11.54
C PRO B 178 34.27 -13.00 -12.27
N SER B 179 35.35 -13.32 -12.99
CA SER B 179 36.12 -12.28 -13.66
C SER B 179 35.42 -11.72 -14.90
N ARG B 180 34.31 -12.30 -15.34
CA ARG B 180 33.63 -11.68 -16.47
C ARG B 180 33.02 -10.34 -16.11
N PHE B 181 32.87 -10.02 -14.82
CA PHE B 181 32.45 -8.68 -14.41
C PHE B 181 33.65 -7.74 -14.30
N SER B 182 33.47 -6.53 -14.82
CA SER B 182 34.47 -5.48 -14.69
C SER B 182 33.75 -4.14 -14.66
N GLY B 183 34.41 -3.16 -14.07
CA GLY B 183 33.86 -1.83 -13.99
C GLY B 183 34.87 -0.82 -14.49
N SER B 184 34.36 0.29 -15.00
CA SER B 184 35.23 1.38 -15.41
C SER B 184 34.54 2.71 -15.18
N GLY B 185 35.32 3.76 -15.21
CA GLY B 185 34.74 5.09 -15.15
C GLY B 185 35.26 5.88 -13.97
N SER B 186 35.02 7.18 -14.02
CA SER B 186 35.51 8.11 -13.01
C SER B 186 34.74 9.40 -13.18
N GLY B 187 34.43 10.08 -12.09
CA GLY B 187 33.73 11.35 -12.17
C GLY B 187 32.23 11.25 -12.05
N THR B 188 31.52 11.38 -13.18
CA THR B 188 30.07 11.27 -13.21
C THR B 188 29.55 10.04 -13.98
N ASP B 189 30.37 9.38 -14.78
CA ASP B 189 29.89 8.38 -15.74
C ASP B 189 30.59 7.04 -15.49
N PHE B 190 29.82 6.00 -15.25
CA PHE B 190 30.39 4.71 -14.86
C PHE B 190 29.78 3.60 -15.70
N THR B 191 30.55 2.53 -15.89
CA THR B 191 30.11 1.43 -16.72
C THR B 191 30.38 0.12 -16.02
N LEU B 192 29.39 -0.77 -16.02
CA LEU B 192 29.55 -2.15 -15.65
C LEU B 192 29.45 -3.01 -16.89
N THR B 193 30.45 -3.88 -17.11
CA THR B 193 30.50 -4.76 -18.27
C THR B 193 30.47 -6.22 -17.83
N ILE B 194 29.67 -7.02 -18.52
CA ILE B 194 29.73 -8.47 -18.40
C ILE B 194 30.35 -8.99 -19.70
N SER B 195 31.56 -9.56 -19.59
CA SER B 195 32.34 -9.85 -20.80
C SER B 195 31.63 -10.88 -21.69
N SER B 196 31.03 -11.91 -21.10
CA SER B 196 30.26 -12.91 -21.86
C SER B 196 29.14 -13.40 -20.95
N LEU B 197 27.90 -13.08 -21.31
CA LEU B 197 26.74 -13.29 -20.45
C LEU B 197 26.47 -14.77 -20.22
N GLN B 198 26.17 -15.14 -18.98
CA GLN B 198 25.80 -16.50 -18.62
C GLN B 198 24.38 -16.53 -18.05
N PRO B 199 23.68 -17.66 -18.15
CA PRO B 199 22.29 -17.68 -17.68
C PRO B 199 22.10 -17.26 -16.23
N GLU B 200 23.07 -17.52 -15.35
CA GLU B 200 22.87 -17.14 -13.96
C GLU B 200 23.00 -15.63 -13.71
N ASP B 201 23.31 -14.84 -14.73
CA ASP B 201 23.43 -13.40 -14.58
C ASP B 201 22.10 -12.65 -14.72
N ILE B 202 20.98 -13.35 -14.91
CA ILE B 202 19.68 -12.69 -14.89
C ILE B 202 19.45 -12.10 -13.51
N ALA B 203 19.15 -10.79 -13.46
CA ALA B 203 19.09 -10.05 -12.21
C ALA B 203 18.85 -8.56 -12.45
N THR B 204 18.64 -7.81 -11.37
CA THR B 204 18.70 -6.36 -11.39
C THR B 204 20.04 -5.90 -10.81
N TYR B 205 20.66 -4.93 -11.48
CA TYR B 205 21.97 -4.43 -11.11
C TYR B 205 21.82 -3.00 -10.61
N TYR B 206 22.50 -2.68 -9.51
CA TYR B 206 22.41 -1.36 -8.90
C TYR B 206 23.79 -0.75 -8.75
N CYS B 207 23.92 0.54 -9.03
CA CYS B 207 25.11 1.27 -8.63
C CYS B 207 24.87 2.00 -7.33
N GLN B 208 25.95 2.38 -6.65
CA GLN B 208 25.83 3.08 -5.38
C GLN B 208 27.04 3.99 -5.21
N GLN B 209 26.82 5.29 -5.00
CA GLN B 209 27.93 6.19 -4.70
C GLN B 209 28.30 6.09 -3.23
N GLY B 210 29.59 6.01 -2.96
CA GLY B 210 30.08 5.97 -1.60
C GLY B 210 30.94 7.17 -1.28
N GLN B 211 30.57 8.34 -1.77
CA GLN B 211 31.42 9.49 -1.50
C GLN B 211 30.97 10.32 -0.32
N THR B 212 29.69 10.66 -0.25
CA THR B 212 29.22 11.57 0.77
C THR B 212 27.89 11.04 1.29
N TYR B 213 27.66 11.19 2.60
CA TYR B 213 26.36 10.86 3.15
C TYR B 213 25.31 11.82 2.58
N PRO B 214 24.09 11.34 2.38
CA PRO B 214 23.69 9.93 2.53
C PRO B 214 24.14 9.09 1.33
N TYR B 215 24.56 7.86 1.58
CA TYR B 215 24.91 6.97 0.49
C TYR B 215 23.65 6.66 -0.32
N THR B 216 23.76 6.68 -1.64
CA THR B 216 22.56 6.59 -2.47
C THR B 216 22.78 5.58 -3.58
N PHE B 217 21.70 4.93 -3.98
CA PHE B 217 21.71 3.92 -5.03
C PHE B 217 21.03 4.43 -6.28
N GLY B 218 21.42 3.89 -7.43
CA GLY B 218 20.64 4.08 -8.64
C GLY B 218 19.37 3.25 -8.60
N GLN B 219 18.48 3.52 -9.57
CA GLN B 219 17.16 2.90 -9.55
C GLN B 219 17.15 1.48 -10.09
N GLY B 220 18.26 0.97 -10.59
CA GLY B 220 18.29 -0.40 -11.04
C GLY B 220 18.15 -0.56 -12.55
N THR B 221 18.85 -1.56 -13.08
CA THR B 221 18.73 -2.01 -14.46
C THR B 221 18.41 -3.49 -14.42
N LYS B 222 17.29 -3.89 -15.05
CA LYS B 222 16.90 -5.29 -15.11
C LYS B 222 17.53 -5.93 -16.35
N LEU B 223 18.24 -7.03 -16.14
CA LEU B 223 18.87 -7.78 -17.23
C LEU B 223 18.11 -9.09 -17.41
N GLU B 224 17.54 -9.28 -18.59
CA GLU B 224 16.77 -10.47 -18.95
C GLU B 224 17.48 -11.25 -20.04
N ILE B 225 17.31 -12.57 -20.02
CA ILE B 225 17.68 -13.41 -21.16
C ILE B 225 16.45 -14.22 -21.56
N LYS B 226 16.01 -14.06 -22.81
CA LYS B 226 14.92 -14.88 -23.33
C LYS B 226 15.45 -16.24 -23.75
N THR B 227 14.71 -17.29 -23.38
CA THR B 227 15.17 -18.66 -23.57
C THR B 227 15.27 -19.02 -25.05
N LYS B 228 16.40 -19.62 -25.44
CA LYS B 228 16.60 -20.08 -26.81
C LYS B 228 16.55 -21.60 -26.90
N GLY B 229 15.42 -22.18 -26.49
CA GLY B 229 15.21 -23.61 -26.57
C GLY B 229 14.04 -23.97 -27.46
N PRO B 230 13.76 -25.26 -27.59
CA PRO B 230 12.62 -25.71 -28.40
C PRO B 230 11.30 -25.46 -27.67
N SER B 231 10.22 -25.89 -28.31
CA SER B 231 8.91 -25.85 -27.67
C SER B 231 8.80 -26.91 -26.58
N ARG B 232 7.98 -26.62 -25.58
CA ARG B 232 7.68 -27.64 -24.59
C ARG B 232 6.74 -28.69 -25.20
N THR B 233 6.56 -29.77 -24.46
CA THR B 233 5.71 -30.84 -24.93
C THR B 233 4.23 -30.42 -24.89
N VAL B 234 3.42 -31.06 -25.75
CA VAL B 234 2.00 -30.74 -25.77
C VAL B 234 1.38 -31.07 -24.43
N ALA B 235 0.60 -30.12 -23.89
CA ALA B 235 -0.09 -30.28 -22.62
C ALA B 235 -1.57 -30.02 -22.81
N ALA B 236 -2.39 -31.04 -22.55
CA ALA B 236 -3.83 -30.89 -22.63
C ALA B 236 -4.34 -29.98 -21.51
N PRO B 237 -5.33 -29.13 -21.78
CA PRO B 237 -5.91 -28.33 -20.70
C PRO B 237 -6.78 -29.19 -19.81
N SER B 238 -6.75 -28.92 -18.51
CA SER B 238 -7.80 -29.41 -17.64
C SER B 238 -8.88 -28.33 -17.58
N VAL B 239 -10.14 -28.77 -17.63
CA VAL B 239 -11.28 -27.90 -17.90
C VAL B 239 -12.23 -27.96 -16.71
N PHE B 240 -12.71 -26.80 -16.29
CA PHE B 240 -13.62 -26.66 -15.16
C PHE B 240 -14.72 -25.68 -15.57
N ILE B 241 -15.95 -25.93 -15.12
CA ILE B 241 -17.06 -25.01 -15.38
C ILE B 241 -17.66 -24.61 -14.04
N PHE B 242 -18.05 -23.34 -13.92
CA PHE B 242 -18.56 -22.78 -12.66
C PHE B 242 -19.90 -22.14 -12.96
N PRO B 243 -20.98 -22.55 -12.28
CA PRO B 243 -22.24 -21.81 -12.39
C PRO B 243 -22.14 -20.46 -11.70
N PRO B 244 -23.05 -19.53 -12.03
CA PRO B 244 -23.07 -18.25 -11.30
C PRO B 244 -23.40 -18.50 -9.84
N SER B 245 -22.78 -17.74 -8.95
CA SER B 245 -23.12 -17.89 -7.55
C SER B 245 -24.51 -17.30 -7.27
N ASP B 246 -25.11 -17.77 -6.18
CA ASP B 246 -26.42 -17.24 -5.79
C ASP B 246 -26.30 -15.78 -5.34
N GLU B 247 -25.14 -15.40 -4.82
CA GLU B 247 -24.86 -13.98 -4.59
C GLU B 247 -25.05 -13.16 -5.86
N GLN B 248 -24.40 -13.57 -6.96
CA GLN B 248 -24.52 -12.78 -8.19
C GLN B 248 -25.94 -12.80 -8.76
N LEU B 249 -26.65 -13.92 -8.65
CA LEU B 249 -28.01 -13.95 -9.15
C LEU B 249 -28.89 -12.89 -8.48
N LYS B 250 -28.60 -12.53 -7.24
CA LYS B 250 -29.27 -11.43 -6.54
C LYS B 250 -28.98 -10.07 -7.17
N SER B 251 -28.26 -10.01 -8.28
CA SER B 251 -27.94 -8.78 -8.98
C SER B 251 -28.54 -8.70 -10.38
N GLY B 252 -29.32 -9.70 -10.80
CA GLY B 252 -29.96 -9.68 -12.09
C GLY B 252 -29.12 -10.16 -13.25
N THR B 253 -27.86 -10.53 -13.00
CA THR B 253 -26.90 -10.96 -14.03
C THR B 253 -26.32 -12.30 -13.62
N ALA B 254 -26.07 -13.18 -14.59
CA ALA B 254 -25.42 -14.47 -14.33
C ALA B 254 -24.19 -14.58 -15.22
N SER B 255 -23.05 -14.86 -14.61
CA SER B 255 -21.81 -15.16 -15.32
C SER B 255 -21.50 -16.63 -15.15
N VAL B 256 -21.29 -17.34 -16.26
CA VAL B 256 -20.83 -18.72 -16.25
C VAL B 256 -19.38 -18.74 -16.73
N VAL B 257 -18.50 -19.38 -15.95
CA VAL B 257 -17.07 -19.33 -16.21
C VAL B 257 -16.59 -20.73 -16.58
N CYS B 258 -15.81 -20.80 -17.66
CA CYS B 258 -15.11 -22.01 -18.10
C CYS B 258 -13.62 -21.76 -17.96
N LEU B 259 -12.92 -22.65 -17.26
CA LEU B 259 -11.48 -22.52 -17.06
C LEU B 259 -10.75 -23.62 -17.83
N LEU B 260 -9.73 -23.22 -18.62
CA LEU B 260 -8.83 -24.16 -19.28
C LEU B 260 -7.44 -23.93 -18.67
N ASN B 261 -6.97 -24.90 -17.91
CA ASN B 261 -5.81 -24.70 -17.05
C ASN B 261 -4.58 -25.41 -17.64
N ASN B 262 -3.54 -24.62 -17.93
CA ASN B 262 -2.17 -25.12 -18.15
C ASN B 262 -2.08 -26.03 -19.38
N PHE B 263 -2.24 -25.42 -20.55
CA PHE B 263 -2.21 -26.15 -21.80
C PHE B 263 -1.12 -25.60 -22.72
N TYR B 264 -0.71 -26.42 -23.69
CA TYR B 264 0.23 -26.00 -24.71
C TYR B 264 0.03 -26.89 -25.93
N PRO B 265 0.03 -26.34 -27.16
CA PRO B 265 0.22 -24.95 -27.58
C PRO B 265 -0.95 -23.99 -27.30
N ARG B 266 -0.78 -22.73 -27.75
CA ARG B 266 -1.72 -21.68 -27.42
C ARG B 266 -3.08 -21.89 -28.08
N GLU B 267 -3.12 -22.49 -29.27
CA GLU B 267 -4.39 -22.63 -29.98
C GLU B 267 -5.36 -23.53 -29.21
N ALA B 268 -6.53 -22.97 -28.91
CA ALA B 268 -7.61 -23.70 -28.25
C ALA B 268 -8.93 -23.07 -28.66
N LYS B 269 -9.96 -23.88 -28.78
CA LYS B 269 -11.29 -23.39 -29.12
C LYS B 269 -12.23 -23.74 -27.98
N VAL B 270 -13.06 -22.76 -27.60
CA VAL B 270 -14.07 -22.93 -26.57
C VAL B 270 -15.41 -22.52 -27.14
N GLN B 271 -16.36 -23.44 -27.14
CA GLN B 271 -17.74 -23.18 -27.54
C GLN B 271 -18.63 -23.38 -26.33
N TRP B 272 -19.63 -22.53 -26.21
CA TRP B 272 -20.66 -22.64 -25.19
C TRP B 272 -21.94 -23.19 -25.80
N LYS B 273 -22.59 -24.11 -25.07
CA LYS B 273 -23.88 -24.66 -25.46
C LYS B 273 -24.82 -24.52 -24.28
N VAL B 274 -25.98 -23.91 -24.51
CA VAL B 274 -27.04 -23.79 -23.52
C VAL B 274 -28.21 -24.62 -24.00
N ASP B 275 -28.64 -25.60 -23.20
CA ASP B 275 -29.66 -26.56 -23.63
C ASP B 275 -29.31 -27.15 -25.00
N ASN B 276 -28.02 -27.43 -25.16
CA ASN B 276 -27.43 -27.97 -26.37
C ASN B 276 -27.62 -27.09 -27.60
N ALA B 277 -27.89 -25.80 -27.39
CA ALA B 277 -27.87 -24.82 -28.47
C ALA B 277 -26.55 -24.05 -28.42
N LEU B 278 -25.81 -24.08 -29.52
CA LEU B 278 -24.56 -23.35 -29.61
C LEU B 278 -24.78 -21.84 -29.45
N GLN B 279 -23.92 -21.20 -28.66
CA GLN B 279 -24.00 -19.76 -28.40
C GLN B 279 -22.94 -19.02 -29.21
N SER B 280 -23.23 -17.76 -29.54
CA SER B 280 -22.24 -16.91 -30.19
C SER B 280 -22.47 -15.46 -29.83
N GLY B 281 -21.37 -14.76 -29.50
CA GLY B 281 -21.39 -13.35 -29.28
C GLY B 281 -21.66 -12.92 -27.86
N ASN B 282 -21.98 -13.86 -26.95
CA ASN B 282 -22.28 -13.54 -25.57
C ASN B 282 -21.25 -14.13 -24.61
N SER B 283 -20.03 -14.39 -25.08
CA SER B 283 -18.92 -14.81 -24.20
C SER B 283 -17.65 -14.04 -24.50
N GLN B 284 -16.81 -13.87 -23.47
CA GLN B 284 -15.53 -13.17 -23.57
C GLN B 284 -14.41 -14.07 -23.06
N GLU B 285 -13.26 -14.00 -23.74
CA GLU B 285 -12.10 -14.83 -23.44
C GLU B 285 -10.97 -13.98 -22.89
N SER B 286 -10.14 -14.62 -22.07
CA SER B 286 -9.01 -13.96 -21.44
C SER B 286 -7.95 -15.02 -21.19
N VAL B 287 -6.70 -14.69 -21.48
CA VAL B 287 -5.60 -15.66 -21.52
C VAL B 287 -4.43 -15.13 -20.68
N THR B 288 -3.82 -16.01 -19.89
CA THR B 288 -2.63 -15.58 -19.15
C THR B 288 -1.45 -15.45 -20.11
N GLU B 289 -0.42 -14.74 -19.64
CA GLU B 289 0.87 -14.81 -20.30
C GLU B 289 1.48 -16.18 -20.08
N GLN B 290 2.22 -16.65 -21.08
CA GLN B 290 2.88 -17.95 -21.02
C GLN B 290 3.64 -18.09 -19.70
N ASP B 291 3.36 -19.17 -18.98
CA ASP B 291 3.86 -19.28 -17.61
C ASP B 291 5.38 -19.24 -17.59
N SER B 292 5.93 -18.59 -16.56
CA SER B 292 7.37 -18.46 -16.46
C SER B 292 8.07 -19.81 -16.31
N LYS B 293 7.43 -20.75 -15.62
CA LYS B 293 8.11 -21.96 -15.15
C LYS B 293 7.84 -23.20 -16.01
N ASP B 294 6.59 -23.47 -16.38
CA ASP B 294 6.27 -24.61 -17.23
C ASP B 294 5.87 -24.22 -18.65
N SER B 295 5.84 -22.91 -18.97
CA SER B 295 5.58 -22.40 -20.33
C SER B 295 4.23 -22.85 -20.88
N THR B 296 3.25 -23.08 -20.01
CA THR B 296 1.89 -23.32 -20.46
C THR B 296 1.10 -22.02 -20.48
N TYR B 297 -0.11 -22.10 -21.03
CA TYR B 297 -1.07 -21.00 -20.98
C TYR B 297 -2.28 -21.43 -20.17
N SER B 298 -3.07 -20.44 -19.77
CA SER B 298 -4.33 -20.71 -19.09
C SER B 298 -5.37 -19.78 -19.70
N LEU B 299 -6.63 -20.20 -19.66
CA LEU B 299 -7.66 -19.45 -20.37
C LEU B 299 -8.98 -19.51 -19.59
N SER B 300 -9.64 -18.36 -19.48
CA SER B 300 -11.02 -18.31 -19.00
C SER B 300 -11.93 -17.83 -20.12
N SER B 301 -13.11 -18.44 -20.19
CA SER B 301 -14.18 -18.02 -21.06
C SER B 301 -15.39 -17.77 -20.17
N THR B 302 -15.98 -16.59 -20.30
CA THR B 302 -17.07 -16.16 -19.43
C THR B 302 -18.30 -15.91 -20.29
N LEU B 303 -19.37 -16.63 -19.98
CA LEU B 303 -20.65 -16.45 -20.66
C LEU B 303 -21.54 -15.60 -19.78
N THR B 304 -22.13 -14.54 -20.35
CA THR B 304 -22.98 -13.62 -19.60
C THR B 304 -24.42 -13.69 -20.11
N LEU B 305 -25.36 -13.81 -19.17
CA LEU B 305 -26.79 -13.81 -19.46
C LEU B 305 -27.51 -13.06 -18.34
N SER B 306 -28.73 -12.63 -18.65
CA SER B 306 -29.59 -12.13 -17.59
C SER B 306 -30.02 -13.28 -16.68
N LYS B 307 -30.31 -12.93 -15.42
CA LYS B 307 -30.86 -13.93 -14.51
C LYS B 307 -32.10 -14.58 -15.10
N ALA B 308 -32.96 -13.78 -15.74
CA ALA B 308 -34.18 -14.33 -16.35
C ALA B 308 -33.86 -15.37 -17.40
N ASP B 309 -32.88 -15.09 -18.27
CA ASP B 309 -32.49 -16.05 -19.28
C ASP B 309 -31.83 -17.28 -18.65
N TYR B 310 -30.94 -17.06 -17.68
CA TYR B 310 -30.30 -18.16 -16.97
C TYR B 310 -31.33 -19.12 -16.38
N GLU B 311 -32.37 -18.60 -15.73
CA GLU B 311 -33.33 -19.46 -15.06
C GLU B 311 -34.25 -20.20 -16.02
N LYS B 312 -34.28 -19.82 -17.29
CA LYS B 312 -35.16 -20.50 -18.24
C LYS B 312 -34.52 -21.74 -18.84
N HIS B 313 -33.21 -21.90 -18.72
CA HIS B 313 -32.52 -23.02 -19.34
C HIS B 313 -31.95 -23.95 -18.27
N LYS B 314 -31.74 -25.21 -18.68
CA LYS B 314 -31.39 -26.29 -17.76
C LYS B 314 -29.89 -26.59 -17.73
N VAL B 315 -29.27 -26.85 -18.89
CA VAL B 315 -27.92 -27.42 -18.92
C VAL B 315 -26.99 -26.42 -19.58
N TYR B 316 -25.83 -26.20 -18.96
CA TYR B 316 -24.84 -25.24 -19.42
C TYR B 316 -23.55 -25.98 -19.66
N ALA B 317 -22.95 -25.82 -20.84
CA ALA B 317 -21.75 -26.59 -21.14
C ALA B 317 -20.74 -25.77 -21.92
N CYS B 318 -19.46 -25.99 -21.63
CA CYS B 318 -18.40 -25.51 -22.50
C CYS B 318 -17.67 -26.72 -23.09
N GLU B 319 -17.44 -26.66 -24.39
CA GLU B 319 -16.80 -27.71 -25.16
C GLU B 319 -15.45 -27.17 -25.62
N VAL B 320 -14.39 -27.91 -25.30
CA VAL B 320 -13.03 -27.47 -25.55
C VAL B 320 -12.39 -28.37 -26.59
N THR B 321 -11.86 -27.76 -27.65
CA THR B 321 -11.07 -28.45 -28.66
C THR B 321 -9.61 -28.01 -28.52
N HIS B 322 -8.72 -28.98 -28.32
CA HIS B 322 -7.30 -28.70 -28.20
C HIS B 322 -6.51 -29.90 -28.70
N GLN B 323 -5.34 -29.62 -29.26
CA GLN B 323 -4.51 -30.66 -29.86
C GLN B 323 -4.12 -31.76 -28.87
N GLY B 324 -3.94 -31.42 -27.59
CA GLY B 324 -3.59 -32.44 -26.61
C GLY B 324 -4.73 -33.33 -26.16
N LEU B 325 -5.94 -33.07 -26.63
CA LEU B 325 -7.12 -33.88 -26.35
C LEU B 325 -7.43 -34.72 -27.57
N SER B 326 -7.66 -36.02 -27.36
CA SER B 326 -7.96 -36.90 -28.49
C SER B 326 -9.30 -36.56 -29.14
N SER B 327 -10.27 -36.07 -28.37
CA SER B 327 -11.52 -35.55 -28.91
C SER B 327 -11.94 -34.36 -28.08
N PRO B 328 -12.85 -33.52 -28.57
CA PRO B 328 -13.34 -32.37 -27.79
C PRO B 328 -13.92 -32.80 -26.45
N VAL B 329 -13.58 -32.04 -25.41
CA VAL B 329 -13.98 -32.33 -24.03
C VAL B 329 -15.12 -31.39 -23.64
N THR B 330 -16.16 -31.94 -23.02
CA THR B 330 -17.31 -31.16 -22.57
C THR B 330 -17.38 -31.17 -21.06
N LYS B 331 -17.46 -29.99 -20.46
CA LYS B 331 -17.77 -29.82 -19.04
C LYS B 331 -19.11 -29.11 -18.92
N SER B 332 -20.01 -29.64 -18.09
CA SER B 332 -21.33 -29.05 -18.00
C SER B 332 -21.85 -29.07 -16.57
N PHE B 333 -22.95 -28.35 -16.37
CA PHE B 333 -23.70 -28.48 -15.13
C PHE B 333 -25.16 -28.35 -15.50
N ASN B 334 -26.01 -28.86 -14.62
CA ASN B 334 -27.45 -28.79 -14.79
C ASN B 334 -27.95 -27.89 -13.68
N ARG B 335 -28.51 -26.74 -14.06
CA ARG B 335 -28.98 -25.77 -13.07
C ARG B 335 -29.93 -26.44 -12.08
N GLY B 336 -29.68 -26.23 -10.78
CA GLY B 336 -30.55 -26.75 -9.76
C GLY B 336 -30.07 -28.00 -9.05
N GLU B 337 -29.41 -28.92 -9.77
CA GLU B 337 -28.83 -30.04 -9.06
C GLU B 337 -27.55 -29.58 -8.35
N CYS B 338 -27.01 -30.45 -7.50
CA CYS B 338 -25.79 -30.14 -6.77
C CYS B 338 -24.56 -30.61 -7.54
#